data_6HJD
#
_entry.id   6HJD
#
_cell.length_a   82.965
_cell.length_b   108.291
_cell.length_c   115.621
_cell.angle_alpha   90.00
_cell.angle_beta   90.00
_cell.angle_gamma   90.00
#
_symmetry.space_group_name_H-M   'P 21 21 21'
#
loop_
_entity.id
_entity.type
_entity.pdbx_description
1 polymer 'Cholera toxin B subunit'
2 branched alpha-L-fucopyranose-(1-3)-[beta-D-galactopyranose-(1-4)]2-acetamido-2-deoxy-alpha-D-glucopyranose
3 branched alpha-L-fucopyranose-(1-3)-[beta-D-galactopyranose-(1-4)]2-acetamido-2-deoxy-beta-D-glucopyranose
4 non-polymer 'CALCIUM ION'
5 non-polymer BICINE
6 non-polymer alpha-L-fucopyranose
7 water water
#
_entity_poly.entity_id   1
_entity_poly.type   'polypeptide(L)'
_entity_poly.pdbx_seq_one_letter_code
;TPQNITDLCAEYHNTQIHTLNDKIFSYTESLAGKREMAIITFKNGATFQVEVPGSQHIDSQKKAIERMKDTLRIAYLTEA
KVEKLCVWNNKTPHAIAAISMAN
;
_entity_poly.pdbx_strand_id   A,B,C,D,E,F,G,H,I,J
#
# COMPACT_ATOMS: atom_id res chain seq x y z
N THR A 1 35.94 -7.47 10.27
CA THR A 1 34.49 -7.32 10.35
C THR A 1 33.79 -8.08 9.23
N PRO A 2 32.79 -8.93 9.55
CA PRO A 2 32.11 -9.70 8.53
C PRO A 2 31.33 -8.83 7.55
N GLN A 3 31.22 -9.31 6.30
CA GLN A 3 30.41 -8.57 5.30
C GLN A 3 29.11 -9.31 4.96
N ASN A 4 28.82 -10.41 5.68
CA ASN A 4 27.60 -11.16 5.44
C ASN A 4 27.30 -12.00 6.69
N ILE A 5 26.08 -12.55 6.72
CA ILE A 5 25.56 -13.22 7.92
C ILE A 5 26.31 -14.56 8.11
N THR A 6 26.65 -15.22 7.02
CA THR A 6 27.29 -16.54 7.16
C THR A 6 28.66 -16.41 7.86
N ASP A 7 29.46 -15.41 7.41
CA ASP A 7 30.75 -15.12 7.99
C ASP A 7 30.59 -14.67 9.45
N LEU A 8 29.56 -13.84 9.71
CA LEU A 8 29.30 -13.39 11.09
CA LEU A 8 29.26 -13.39 11.07
C LEU A 8 28.95 -14.61 11.96
N CYS A 9 28.01 -15.45 11.47
N CYS A 9 27.99 -15.44 11.48
CA CYS A 9 27.60 -16.62 12.27
CA CYS A 9 27.59 -16.66 12.19
C CYS A 9 28.82 -17.44 12.71
C CYS A 9 28.82 -17.40 12.71
N ALA A 10 29.80 -17.65 11.79
CA ALA A 10 31.06 -18.48 12.01
C ALA A 10 32.05 -17.88 13.04
N GLU A 11 31.85 -16.66 13.47
CA GLU A 11 32.71 -16.10 14.52
CA GLU A 11 32.68 -16.06 14.53
C GLU A 11 32.27 -16.60 15.91
N TYR A 12 31.14 -17.30 16.01
CA TYR A 12 30.62 -17.76 17.33
C TYR A 12 30.59 -19.29 17.46
N HIS A 13 30.64 -19.79 18.69
CA HIS A 13 30.43 -21.20 19.00
C HIS A 13 28.93 -21.48 19.11
N ASN A 14 28.51 -22.70 18.82
CA ASN A 14 27.16 -23.12 19.05
C ASN A 14 26.17 -22.36 18.16
N THR A 15 26.59 -21.87 16.97
CA THR A 15 25.66 -21.26 16.06
CA THR A 15 25.66 -21.26 16.06
C THR A 15 25.56 -22.09 14.77
N GLN A 16 24.48 -21.81 14.01
CA GLN A 16 24.33 -22.36 12.71
C GLN A 16 23.47 -21.38 11.89
N ILE A 17 23.56 -21.54 10.57
CA ILE A 17 22.73 -20.84 9.61
C ILE A 17 21.54 -21.71 9.24
N HIS A 18 20.33 -21.15 9.28
CA HIS A 18 19.19 -21.72 8.60
C HIS A 18 18.91 -20.87 7.37
N THR A 19 18.76 -21.51 6.22
CA THR A 19 18.39 -20.81 5.03
C THR A 19 16.89 -21.04 4.80
N LEU A 20 16.08 -19.99 4.93
CA LEU A 20 14.59 -20.09 4.88
C LEU A 20 14.12 -19.68 3.46
N ASN A 21 14.59 -18.54 2.99
CA ASN A 21 14.08 -17.99 1.68
C ASN A 21 12.55 -17.97 1.68
N ASP A 22 11.98 -17.40 2.76
CA ASP A 22 10.53 -17.40 2.88
C ASP A 22 10.09 -16.33 3.87
N LYS A 23 8.82 -15.94 3.77
CA LYS A 23 8.26 -14.99 4.69
C LYS A 23 7.90 -15.70 5.99
N ILE A 24 7.81 -14.92 7.05
CA ILE A 24 7.44 -15.41 8.38
C ILE A 24 5.98 -15.84 8.32
N PHE A 25 5.71 -17.07 8.79
CA PHE A 25 4.37 -17.64 8.82
C PHE A 25 3.54 -17.13 10.00
N SER A 26 4.17 -17.09 11.18
CA SER A 26 3.51 -16.55 12.34
C SER A 26 4.49 -15.75 13.21
N TYR A 27 3.91 -14.79 13.94
N TYR A 27 3.93 -14.80 13.95
CA TYR A 27 4.63 -13.91 14.84
CA TYR A 27 4.70 -13.94 14.84
C TYR A 27 3.89 -14.00 16.18
C TYR A 27 3.95 -13.87 16.17
N THR A 28 4.61 -14.28 17.24
CA THR A 28 4.05 -14.35 18.62
C THR A 28 4.90 -13.46 19.53
N GLU A 29 4.21 -12.69 20.38
N GLU A 29 4.28 -12.56 20.32
CA GLU A 29 4.82 -11.77 21.29
CA GLU A 29 5.05 -11.86 21.32
C GLU A 29 4.21 -11.93 22.69
C GLU A 29 4.28 -11.82 22.64
N SER A 30 5.07 -11.84 23.73
CA SER A 30 4.62 -12.06 25.09
C SER A 30 5.20 -10.96 26.00
N LEU A 31 4.36 -10.41 26.89
CA LEU A 31 4.79 -9.53 27.93
C LEU A 31 4.70 -10.21 29.30
N ALA A 32 4.34 -11.51 29.35
CA ALA A 32 4.22 -12.23 30.63
C ALA A 32 5.57 -12.30 31.35
N GLY A 33 5.53 -12.14 32.68
CA GLY A 33 6.77 -12.02 33.45
C GLY A 33 7.65 -13.24 33.24
N LYS A 34 8.94 -12.99 32.97
CA LYS A 34 9.98 -14.01 32.73
C LYS A 34 9.83 -14.64 31.35
N ARG A 35 8.83 -14.25 30.54
CA ARG A 35 8.70 -14.71 29.16
C ARG A 35 8.48 -13.51 28.24
N GLU A 36 9.28 -12.45 28.46
CA GLU A 36 9.18 -11.27 27.66
C GLU A 36 10.02 -11.55 26.41
N MET A 37 9.38 -12.08 25.39
CA MET A 37 10.05 -12.64 24.25
C MET A 37 9.17 -12.56 23.00
N ALA A 38 9.81 -12.86 21.87
CA ALA A 38 9.09 -13.09 20.60
C ALA A 38 9.38 -14.49 20.07
N ILE A 39 8.46 -15.04 19.30
CA ILE A 39 8.63 -16.38 18.71
C ILE A 39 8.12 -16.27 17.27
N ILE A 40 8.88 -16.72 16.28
CA ILE A 40 8.41 -16.73 14.87
C ILE A 40 8.45 -18.18 14.39
N THR A 41 7.59 -18.50 13.44
CA THR A 41 7.64 -19.77 12.75
CA THR A 41 7.57 -19.78 12.74
C THR A 41 7.56 -19.50 11.23
N PHE A 42 7.98 -20.50 10.47
CA PHE A 42 7.92 -20.58 9.04
C PHE A 42 6.98 -21.71 8.67
N LYS A 43 6.46 -21.71 7.44
CA LYS A 43 5.50 -22.67 6.97
C LYS A 43 6.03 -24.11 7.12
N ASN A 44 7.34 -24.30 7.11
CA ASN A 44 7.89 -25.69 7.27
C ASN A 44 7.91 -26.13 8.75
N GLY A 45 7.46 -25.29 9.69
CA GLY A 45 7.42 -25.58 11.14
C GLY A 45 8.68 -25.18 11.89
N ALA A 46 9.70 -24.68 11.18
CA ALA A 46 10.85 -24.17 11.83
C ALA A 46 10.44 -22.99 12.74
N THR A 47 10.89 -23.03 13.99
CA THR A 47 10.46 -22.13 15.04
C THR A 47 11.71 -21.52 15.70
N PHE A 48 11.65 -20.19 15.93
CA PHE A 48 12.78 -19.44 16.50
C PHE A 48 12.32 -18.46 17.57
N GLN A 49 13.17 -18.18 18.58
CA GLN A 49 12.91 -17.17 19.58
C GLN A 49 13.92 -16.04 19.47
N VAL A 50 13.48 -14.87 19.91
CA VAL A 50 14.37 -13.91 20.47
C VAL A 50 14.30 -14.10 21.98
N GLU A 51 15.45 -14.36 22.59
CA GLU A 51 15.52 -14.75 23.96
C GLU A 51 15.08 -13.62 24.88
N VAL A 52 14.52 -14.04 26.02
CA VAL A 52 14.28 -13.12 27.12
C VAL A 52 15.64 -12.51 27.50
N PRO A 53 15.77 -11.18 27.69
CA PRO A 53 17.04 -10.63 28.13
C PRO A 53 17.41 -11.14 29.54
N GLY A 54 18.67 -11.47 29.74
CA GLY A 54 19.10 -11.97 31.03
C GLY A 54 20.60 -11.83 31.18
N SER A 55 21.11 -12.51 32.21
CA SER A 55 22.50 -12.43 32.65
C SER A 55 23.49 -12.99 31.61
N GLN A 56 22.99 -13.70 30.58
CA GLN A 56 23.79 -14.27 29.56
C GLN A 56 24.04 -13.24 28.45
N HIS A 57 23.43 -12.05 28.58
CA HIS A 57 23.55 -10.97 27.62
C HIS A 57 24.43 -9.87 28.19
N ILE A 58 25.15 -9.14 27.33
CA ILE A 58 25.97 -8.02 27.78
C ILE A 58 25.21 -6.73 27.49
N ASP A 59 25.65 -5.62 28.10
CA ASP A 59 24.86 -4.37 28.07
C ASP A 59 24.62 -3.94 26.62
N SER A 60 25.65 -4.11 25.78
CA SER A 60 25.61 -3.67 24.41
C SER A 60 24.54 -4.39 23.59
N GLN A 61 24.02 -5.52 24.07
CA GLN A 61 23.08 -6.30 23.32
C GLN A 61 21.64 -5.87 23.63
N LYS A 62 21.43 -5.05 24.67
CA LYS A 62 20.06 -4.88 25.14
C LYS A 62 19.25 -4.13 24.09
N LYS A 63 19.85 -3.07 23.52
CA LYS A 63 19.16 -2.33 22.42
C LYS A 63 18.96 -3.24 21.21
N ALA A 64 19.93 -4.11 20.95
CA ALA A 64 19.92 -4.92 19.73
C ALA A 64 18.86 -6.00 19.83
N ILE A 65 18.63 -6.52 21.06
CA ILE A 65 17.52 -7.44 21.34
C ILE A 65 16.17 -6.76 21.03
N GLU A 66 15.99 -5.53 21.47
CA GLU A 66 14.74 -4.83 21.23
C GLU A 66 14.56 -4.59 19.73
N ARG A 67 15.65 -4.19 19.09
CA ARG A 67 15.65 -3.97 17.70
C ARG A 67 15.26 -5.23 16.95
N MET A 68 15.78 -6.38 17.33
CA MET A 68 15.48 -7.57 16.57
C MET A 68 13.98 -7.91 16.60
N LYS A 69 13.36 -7.76 17.77
CA LYS A 69 11.91 -7.99 17.85
C LYS A 69 11.14 -6.98 16.94
N ASP A 70 11.54 -5.71 16.92
CA ASP A 70 10.98 -4.70 16.03
C ASP A 70 11.12 -5.18 14.56
N THR A 71 12.30 -5.74 14.20
CA THR A 71 12.56 -6.16 12.86
C THR A 71 11.66 -7.33 12.48
N LEU A 72 11.48 -8.31 13.39
CA LEU A 72 10.71 -9.48 13.07
C LEU A 72 9.22 -9.11 12.89
N ARG A 73 8.71 -8.21 13.73
CA ARG A 73 7.31 -7.78 13.63
C ARG A 73 7.08 -7.07 12.29
N ILE A 74 7.97 -6.15 11.87
CA ILE A 74 7.75 -5.43 10.61
C ILE A 74 8.02 -6.31 9.39
N ALA A 75 8.96 -7.24 9.52
CA ALA A 75 9.13 -8.20 8.44
C ALA A 75 7.89 -9.06 8.26
N TYR A 76 7.31 -9.54 9.35
CA TYR A 76 6.05 -10.31 9.31
C TYR A 76 4.93 -9.54 8.61
N LEU A 77 4.74 -8.28 9.01
CA LEU A 77 3.59 -7.50 8.53
C LEU A 77 3.76 -7.07 7.08
N THR A 78 4.99 -7.02 6.57
N THR A 78 5.01 -7.04 6.60
CA THR A 78 5.23 -6.64 5.18
CA THR A 78 5.36 -6.64 5.24
C THR A 78 5.42 -7.87 4.27
C THR A 78 5.30 -7.84 4.28
N GLU A 79 5.29 -9.07 4.86
CA GLU A 79 5.53 -10.33 4.16
C GLU A 79 6.92 -10.35 3.53
N ALA A 80 7.92 -9.83 4.24
CA ALA A 80 9.25 -9.75 3.68
C ALA A 80 9.85 -11.16 3.66
N LYS A 81 10.54 -11.49 2.56
CA LYS A 81 11.27 -12.74 2.50
C LYS A 81 12.49 -12.66 3.44
N VAL A 82 12.57 -13.65 4.33
CA VAL A 82 13.75 -13.89 5.13
C VAL A 82 14.68 -14.85 4.39
N GLU A 83 15.92 -14.41 4.18
CA GLU A 83 16.89 -15.23 3.52
C GLU A 83 17.46 -16.23 4.53
N LYS A 84 18.22 -15.76 5.52
CA LYS A 84 18.90 -16.61 6.48
C LYS A 84 18.71 -16.12 7.90
N LEU A 85 18.77 -17.06 8.83
CA LEU A 85 18.92 -16.69 10.22
C LEU A 85 20.21 -17.31 10.73
N CYS A 86 20.93 -16.57 11.56
CA CYS A 86 21.98 -17.11 12.36
C CYS A 86 21.40 -17.37 13.75
N VAL A 87 21.51 -18.61 14.24
CA VAL A 87 20.90 -18.97 15.53
C VAL A 87 21.87 -19.73 16.41
N TRP A 88 21.68 -19.59 17.73
CA TRP A 88 22.33 -20.47 18.70
C TRP A 88 21.49 -21.73 18.80
N ASN A 89 22.14 -22.88 18.48
CA ASN A 89 21.43 -24.14 18.38
C ASN A 89 21.53 -25.00 19.66
N ASN A 90 22.03 -24.41 20.75
CA ASN A 90 21.92 -25.03 22.10
C ASN A 90 20.84 -24.36 22.98
N LYS A 91 19.86 -23.71 22.34
CA LYS A 91 18.69 -23.22 22.95
C LYS A 91 17.57 -24.07 22.29
N THR A 92 16.46 -24.23 23.04
CA THR A 92 15.18 -24.66 22.46
C THR A 92 14.08 -23.65 22.73
N PRO A 93 13.38 -23.11 21.71
CA PRO A 93 13.74 -23.18 20.29
C PRO A 93 15.01 -22.37 19.98
N HIS A 94 15.60 -22.62 18.79
CA HIS A 94 16.80 -21.96 18.41
C HIS A 94 16.65 -20.45 18.64
N ALA A 95 17.72 -19.81 19.13
CA ALA A 95 17.65 -18.38 19.47
C ALA A 95 18.34 -17.58 18.38
N ILE A 96 17.66 -16.51 17.93
CA ILE A 96 18.16 -15.71 16.86
C ILE A 96 19.32 -14.80 17.30
N ALA A 97 20.38 -14.85 16.50
CA ALA A 97 21.57 -14.01 16.64
C ALA A 97 21.65 -12.95 15.54
N ALA A 98 21.19 -13.31 14.36
CA ALA A 98 21.18 -12.39 13.27
C ALA A 98 20.16 -12.82 12.22
N ILE A 99 19.81 -11.85 11.38
CA ILE A 99 18.86 -12.08 10.32
C ILE A 99 19.38 -11.41 9.04
N SER A 100 19.07 -12.01 7.92
CA SER A 100 19.29 -11.37 6.62
C SER A 100 18.02 -11.46 5.77
N MET A 101 17.75 -10.36 5.07
CA MET A 101 16.58 -10.24 4.16
C MET A 101 17.10 -9.78 2.80
N ALA A 102 16.74 -10.55 1.80
CA ALA A 102 17.09 -10.29 0.46
C ALA A 102 15.96 -10.86 -0.39
N ASN A 103 15.80 -10.30 -1.59
CA ASN A 103 14.94 -10.80 -2.69
C ASN A 103 13.48 -10.39 -2.47
N THR B 1 26.99 25.14 8.40
CA THR B 1 26.26 23.89 8.43
C THR B 1 26.08 23.48 6.97
N PRO B 2 26.39 22.23 6.61
CA PRO B 2 26.25 21.79 5.21
C PRO B 2 24.77 21.69 4.78
N GLN B 3 24.52 21.83 3.48
CA GLN B 3 23.16 21.76 2.92
C GLN B 3 22.92 20.49 2.11
N ASN B 4 23.91 19.60 2.02
CA ASN B 4 23.79 18.37 1.29
C ASN B 4 24.82 17.35 1.77
N ILE B 5 24.65 16.12 1.37
CA ILE B 5 25.53 15.05 1.85
C ILE B 5 26.99 15.18 1.36
N THR B 6 27.21 15.68 0.17
CA THR B 6 28.57 15.87 -0.34
C THR B 6 29.34 16.89 0.52
N ASP B 7 28.74 18.03 0.80
CA ASP B 7 29.44 19.02 1.61
C ASP B 7 29.66 18.54 3.06
N LEU B 8 28.69 17.79 3.59
CA LEU B 8 28.84 17.24 4.95
C LEU B 8 30.01 16.22 5.01
N CYS B 9 30.07 15.31 4.03
N CYS B 9 30.04 15.26 4.06
CA CYS B 9 31.15 14.31 3.98
CA CYS B 9 31.17 14.31 3.93
C CYS B 9 32.55 14.97 3.95
C CYS B 9 32.52 15.05 4.06
N ALA B 10 32.68 16.09 3.21
CA ALA B 10 33.92 16.83 3.08
C ALA B 10 34.38 17.41 4.42
N GLU B 11 33.47 17.52 5.42
CA GLU B 11 33.88 18.03 6.74
CA GLU B 11 33.88 18.03 6.74
C GLU B 11 34.68 16.96 7.51
N TYR B 12 34.68 15.71 7.02
CA TYR B 12 35.26 14.58 7.75
C TYR B 12 36.50 14.07 7.01
N HIS B 13 37.49 13.64 7.77
CA HIS B 13 38.64 13.03 7.19
C HIS B 13 38.34 11.56 6.85
N ASN B 14 39.02 11.09 5.83
CA ASN B 14 39.00 9.62 5.48
C ASN B 14 37.56 9.11 5.17
N THR B 15 36.79 9.94 4.50
CA THR B 15 35.45 9.61 4.02
C THR B 15 35.39 9.67 2.47
N GLN B 16 34.37 9.01 1.90
CA GLN B 16 34.17 8.99 0.45
C GLN B 16 32.66 8.90 0.22
N ILE B 17 32.20 9.63 -0.77
CA ILE B 17 30.82 9.46 -1.26
C ILE B 17 30.76 8.30 -2.23
N HIS B 18 29.85 7.34 -1.96
CA HIS B 18 29.50 6.38 -2.97
C HIS B 18 28.09 6.71 -3.47
N THR B 19 27.87 6.60 -4.76
CA THR B 19 26.60 6.91 -5.42
C THR B 19 26.01 5.62 -5.92
N LEU B 20 24.88 5.26 -5.35
CA LEU B 20 24.22 3.97 -5.66
C LEU B 20 23.02 4.17 -6.60
N ASN B 21 22.25 5.25 -6.38
CA ASN B 21 20.99 5.47 -7.09
C ASN B 21 20.28 4.12 -7.30
N ASP B 22 20.03 3.42 -6.21
CA ASP B 22 19.44 2.10 -6.29
C ASP B 22 18.87 1.77 -4.89
N LYS B 23 17.91 0.87 -4.90
CA LYS B 23 17.38 0.39 -3.63
C LYS B 23 18.35 -0.62 -3.05
N ILE B 24 18.20 -0.90 -1.75
CA ILE B 24 19.05 -1.79 -1.06
C ILE B 24 18.67 -3.21 -1.49
N PHE B 25 19.67 -4.04 -1.79
CA PHE B 25 19.42 -5.38 -2.21
CA PHE B 25 19.51 -5.40 -2.23
C PHE B 25 19.31 -6.35 -1.03
N SER B 26 20.12 -6.14 0.03
CA SER B 26 19.99 -6.98 1.22
C SER B 26 20.25 -6.20 2.50
N TYR B 27 19.52 -6.59 3.53
N TYR B 27 19.46 -6.54 3.52
CA TYR B 27 19.62 -6.00 4.84
CA TYR B 27 19.61 -6.01 4.85
C TYR B 27 19.89 -7.11 5.87
C TYR B 27 19.99 -7.18 5.77
N THR B 28 20.99 -6.95 6.63
CA THR B 28 21.37 -7.91 7.67
C THR B 28 21.46 -7.17 9.01
N GLU B 29 20.92 -7.77 10.09
CA GLU B 29 21.12 -7.18 11.37
C GLU B 29 21.51 -8.27 12.37
N SER B 30 22.35 -7.88 13.32
CA SER B 30 22.92 -8.87 14.31
C SER B 30 22.75 -8.33 15.73
N LEU B 31 22.34 -9.19 16.66
CA LEU B 31 22.36 -8.85 18.10
C LEU B 31 23.48 -9.56 18.86
N ALA B 32 24.35 -10.26 18.14
CA ALA B 32 25.35 -11.11 18.78
C ALA B 32 26.34 -10.19 19.51
N GLY B 33 26.86 -10.64 20.66
CA GLY B 33 27.74 -9.80 21.40
C GLY B 33 28.94 -9.37 20.56
N LYS B 34 29.24 -8.07 20.64
CA LYS B 34 30.38 -7.44 20.00
C LYS B 34 30.18 -7.36 18.50
N ARG B 35 29.01 -7.81 17.97
CA ARG B 35 28.71 -7.60 16.60
C ARG B 35 27.27 -7.07 16.49
N GLU B 36 26.91 -6.10 17.35
CA GLU B 36 25.63 -5.45 17.33
C GLU B 36 25.64 -4.38 16.22
N MET B 37 25.31 -4.78 15.00
CA MET B 37 25.59 -4.04 13.81
C MET B 37 24.57 -4.40 12.71
N ALA B 38 24.66 -3.62 11.60
CA ALA B 38 23.84 -3.85 10.44
C ALA B 38 24.74 -3.76 9.22
N ILE B 39 24.39 -4.57 8.19
CA ILE B 39 25.12 -4.63 6.95
C ILE B 39 24.10 -4.51 5.81
N ILE B 40 24.34 -3.62 4.85
CA ILE B 40 23.49 -3.57 3.68
C ILE B 40 24.35 -3.88 2.47
N THR B 41 23.74 -4.41 1.42
CA THR B 41 24.37 -4.56 0.12
C THR B 41 23.45 -4.04 -0.97
N PHE B 42 24.08 -3.68 -2.08
CA PHE B 42 23.44 -3.34 -3.36
C PHE B 42 23.73 -4.45 -4.37
N LYS B 43 22.94 -4.48 -5.48
CA LYS B 43 22.96 -5.51 -6.52
CA LYS B 43 23.01 -5.61 -6.38
CA LYS B 43 22.98 -5.57 -6.44
C LYS B 43 24.38 -5.63 -7.08
N ASN B 44 25.07 -4.50 -7.11
CA ASN B 44 26.43 -4.43 -7.72
C ASN B 44 27.52 -5.01 -6.80
N GLY B 45 27.14 -5.49 -5.60
CA GLY B 45 28.09 -6.01 -4.58
C GLY B 45 28.66 -4.96 -3.62
N ALA B 46 28.29 -3.70 -3.77
CA ALA B 46 28.75 -2.74 -2.79
C ALA B 46 28.15 -3.08 -1.43
N THR B 47 28.97 -3.07 -0.38
CA THR B 47 28.60 -3.59 0.93
C THR B 47 29.00 -2.52 1.95
N PHE B 48 28.11 -2.19 2.89
CA PHE B 48 28.42 -1.20 3.88
C PHE B 48 27.89 -1.64 5.25
N GLN B 49 28.51 -1.15 6.29
CA GLN B 49 28.05 -1.42 7.67
C GLN B 49 27.61 -0.12 8.35
N VAL B 50 26.77 -0.31 9.39
CA VAL B 50 26.69 0.62 10.46
C VAL B 50 27.51 0.00 11.59
N GLU B 51 28.56 0.69 11.99
CA GLU B 51 29.50 0.06 12.93
C GLU B 51 28.87 -0.24 14.29
N VAL B 52 29.42 -1.26 14.95
CA VAL B 52 29.21 -1.47 16.37
C VAL B 52 29.55 -0.20 17.09
N PRO B 53 28.71 0.34 17.99
CA PRO B 53 29.13 1.52 18.77
C PRO B 53 30.43 1.26 19.56
N GLY B 54 31.36 2.20 19.50
CA GLY B 54 32.67 2.06 20.16
C GLY B 54 33.29 3.40 20.56
N SER B 55 34.64 3.34 20.72
CA SER B 55 35.41 4.51 21.19
C SER B 55 35.61 5.59 20.09
N GLN B 56 35.36 5.26 18.81
CA GLN B 56 35.41 6.23 17.73
C GLN B 56 34.12 7.08 17.71
N HIS B 57 33.15 6.74 18.57
CA HIS B 57 31.87 7.48 18.58
C HIS B 57 31.75 8.28 19.87
N ILE B 58 31.18 9.47 19.77
CA ILE B 58 30.90 10.22 20.97
C ILE B 58 29.45 9.95 21.35
N ASP B 59 29.13 10.37 22.58
CA ASP B 59 27.80 10.18 23.16
C ASP B 59 26.70 10.55 22.16
N SER B 60 26.79 11.75 21.55
CA SER B 60 25.78 12.28 20.60
C SER B 60 25.57 11.38 19.39
N GLN B 61 26.56 10.57 19.04
CA GLN B 61 26.40 9.70 17.89
C GLN B 61 25.61 8.43 18.22
N LYS B 62 25.50 8.07 19.51
CA LYS B 62 24.91 6.76 19.86
C LYS B 62 23.47 6.71 19.37
N LYS B 63 22.69 7.76 19.63
CA LYS B 63 21.29 7.73 19.24
C LYS B 63 21.23 7.76 17.72
N ALA B 64 22.18 8.47 17.10
CA ALA B 64 22.15 8.61 15.66
C ALA B 64 22.46 7.25 15.00
N ILE B 65 23.32 6.44 15.64
CA ILE B 65 23.61 5.10 15.15
C ILE B 65 22.32 4.28 15.12
N GLU B 66 21.55 4.33 16.20
CA GLU B 66 20.28 3.58 16.28
C GLU B 66 19.32 4.08 15.21
N ARG B 67 19.26 5.41 15.06
CA ARG B 67 18.42 6.01 14.01
C ARG B 67 18.79 5.50 12.63
N MET B 68 20.10 5.44 12.31
CA MET B 68 20.53 5.03 11.02
C MET B 68 20.15 3.56 10.70
N LYS B 69 20.21 2.69 11.70
CA LYS B 69 19.80 1.32 11.47
C LYS B 69 18.27 1.25 11.23
N ASP B 70 17.50 2.08 11.97
CA ASP B 70 16.03 2.19 11.70
C ASP B 70 15.79 2.64 10.24
N THR B 71 16.56 3.65 9.78
CA THR B 71 16.39 4.21 8.47
C THR B 71 16.70 3.16 7.40
N LEU B 72 17.77 2.36 7.59
CA LEU B 72 18.14 1.38 6.56
C LEU B 72 17.11 0.24 6.47
N ARG B 73 16.58 -0.17 7.62
CA ARG B 73 15.55 -1.19 7.65
C ARG B 73 14.29 -0.71 6.90
N ILE B 74 13.80 0.51 7.20
CA ILE B 74 12.56 0.96 6.54
C ILE B 74 12.84 1.26 5.05
N ALA B 75 14.04 1.70 4.69
CA ALA B 75 14.40 1.96 3.33
C ALA B 75 14.40 0.64 2.58
N TYR B 76 14.96 -0.41 3.19
CA TYR B 76 14.94 -1.74 2.52
C TYR B 76 13.51 -2.22 2.27
N LEU B 77 12.66 -2.11 3.29
CA LEU B 77 11.30 -2.66 3.22
C LEU B 77 10.38 -1.86 2.28
N THR B 78 10.66 -0.57 2.09
CA THR B 78 9.94 0.38 1.22
CA THR B 78 9.87 0.28 1.17
C THR B 78 10.52 0.37 -0.21
N GLU B 79 11.60 -0.38 -0.44
CA GLU B 79 12.35 -0.35 -1.73
C GLU B 79 12.69 1.11 -2.09
N ALA B 80 13.07 1.94 -1.10
CA ALA B 80 13.39 3.31 -1.33
C ALA B 80 14.77 3.40 -1.99
N LYS B 81 14.82 4.19 -3.04
CA LYS B 81 16.06 4.48 -3.71
C LYS B 81 17.04 5.23 -2.81
N VAL B 82 18.23 4.67 -2.61
CA VAL B 82 19.32 5.34 -1.92
C VAL B 82 20.14 6.09 -2.98
N GLU B 83 20.31 7.40 -2.84
CA GLU B 83 21.10 8.24 -3.71
CA GLU B 83 21.10 8.17 -3.76
C GLU B 83 22.58 8.00 -3.42
N LYS B 84 23.00 8.48 -2.25
CA LYS B 84 24.43 8.49 -1.88
C LYS B 84 24.59 7.99 -0.48
N LEU B 85 25.77 7.42 -0.18
CA LEU B 85 26.26 7.16 1.15
C LEU B 85 27.60 7.88 1.33
N CYS B 86 27.75 8.58 2.45
CA CYS B 86 29.04 9.09 2.88
C CYS B 86 29.59 8.04 3.82
N VAL B 87 30.82 7.55 3.55
CA VAL B 87 31.32 6.41 4.29
C VAL B 87 32.77 6.62 4.69
N TRP B 88 33.16 6.04 5.82
CA TRP B 88 34.51 5.97 6.22
C TRP B 88 35.18 4.80 5.51
N ASN B 89 36.21 5.11 4.70
CA ASN B 89 36.71 4.08 3.85
C ASN B 89 37.97 3.39 4.40
N ASN B 90 38.47 3.73 5.59
N ASN B 90 38.40 3.82 5.61
CA ASN B 90 39.51 2.94 6.23
CA ASN B 90 39.38 3.24 6.51
C ASN B 90 38.92 1.67 6.86
C ASN B 90 38.86 1.95 7.20
N LYS B 91 37.59 1.56 6.93
CA LYS B 91 36.94 0.34 7.48
C LYS B 91 36.58 -0.60 6.33
N THR B 92 36.62 -1.92 6.56
CA THR B 92 36.05 -2.93 5.65
C THR B 92 35.00 -3.77 6.40
N PRO B 93 33.79 -3.87 5.86
CA PRO B 93 33.31 -3.04 4.77
C PRO B 93 33.27 -1.56 5.17
N HIS B 94 33.14 -0.66 4.21
CA HIS B 94 33.08 0.77 4.54
C HIS B 94 31.90 1.07 5.49
N ALA B 95 32.10 2.05 6.38
CA ALA B 95 31.18 2.33 7.49
C ALA B 95 30.37 3.59 7.16
N ILE B 96 29.05 3.49 7.31
CA ILE B 96 28.19 4.61 6.99
C ILE B 96 28.33 5.74 7.99
N ALA B 97 28.51 6.95 7.45
CA ALA B 97 28.41 8.21 8.13
C ALA B 97 27.10 8.95 7.87
N ALA B 98 26.64 8.86 6.61
CA ALA B 98 25.39 9.53 6.22
C ALA B 98 24.80 8.90 4.99
N ILE B 99 23.49 9.12 4.84
CA ILE B 99 22.73 8.62 3.69
C ILE B 99 21.89 9.75 3.10
N SER B 100 21.73 9.74 1.76
CA SER B 100 20.73 10.53 1.12
C SER B 100 19.81 9.67 0.24
N MET B 101 18.54 10.03 0.24
CA MET B 101 17.49 9.36 -0.51
C MET B 101 16.74 10.40 -1.31
N ALA B 102 16.52 10.08 -2.59
CA ALA B 102 15.78 10.88 -3.47
C ALA B 102 15.36 9.95 -4.61
N ASN B 103 14.24 10.28 -5.26
CA ASN B 103 13.79 9.50 -6.43
C ASN B 103 12.83 10.37 -7.23
N THR C 1 -3.83 28.11 23.75
CA THR C 1 -2.62 27.87 22.89
C THR C 1 -2.98 28.07 21.42
N PRO C 2 -2.07 28.54 20.53
CA PRO C 2 -2.41 28.67 19.10
CA PRO C 2 -2.45 28.69 19.11
C PRO C 2 -2.90 27.37 18.47
N GLN C 3 -3.77 27.52 17.47
CA GLN C 3 -4.49 26.36 16.93
C GLN C 3 -4.01 26.02 15.51
N ASN C 4 -3.03 26.70 14.97
CA ASN C 4 -2.51 26.40 13.67
C ASN C 4 -1.04 26.84 13.59
N ILE C 5 -0.31 26.35 12.56
CA ILE C 5 1.16 26.55 12.49
C ILE C 5 1.48 28.04 12.24
N THR C 6 0.63 28.74 11.47
CA THR C 6 0.90 30.14 11.21
C THR C 6 0.88 30.94 12.53
N ASP C 7 -0.16 30.76 13.34
CA ASP C 7 -0.30 31.45 14.60
C ASP C 7 0.81 31.04 15.57
N LEU C 8 1.21 29.79 15.57
CA LEU C 8 2.22 29.25 16.46
C LEU C 8 3.58 29.83 16.08
N CYS C 9 3.89 29.75 14.77
N CYS C 9 3.91 29.74 14.75
CA CYS C 9 5.10 30.38 14.28
CA CYS C 9 5.12 30.41 14.19
C CYS C 9 5.25 31.85 14.65
C CYS C 9 5.26 31.89 14.56
N ALA C 10 4.16 32.64 14.57
CA ALA C 10 4.18 34.11 14.81
C ALA C 10 4.49 34.51 16.26
N GLU C 11 4.36 33.56 17.18
CA GLU C 11 4.66 33.84 18.59
C GLU C 11 6.17 33.96 18.87
N TYR C 12 7.02 33.51 17.95
CA TYR C 12 8.43 33.36 18.21
C TYR C 12 9.25 34.41 17.45
N HIS C 13 10.41 34.72 18.00
CA HIS C 13 11.30 35.65 17.37
C HIS C 13 12.17 34.94 16.32
N ASN C 14 12.39 35.65 15.23
CA ASN C 14 13.32 35.15 14.19
C ASN C 14 12.72 33.93 13.49
N THR C 15 11.40 33.86 13.34
CA THR C 15 10.82 32.71 12.68
C THR C 15 10.06 33.18 11.43
N GLN C 16 9.80 32.25 10.52
N GLN C 16 9.77 32.23 10.55
CA GLN C 16 8.91 32.52 9.37
CA GLN C 16 8.95 32.47 9.37
C GLN C 16 8.36 31.22 8.81
C GLN C 16 8.32 31.19 8.87
N ILE C 17 7.23 31.39 8.13
CA ILE C 17 6.52 30.34 7.47
C ILE C 17 7.01 30.25 6.03
N HIS C 18 7.36 29.02 5.65
CA HIS C 18 7.49 28.60 4.25
C HIS C 18 6.26 27.76 3.90
N THR C 19 5.58 28.12 2.81
CA THR C 19 4.47 27.33 2.30
C THR C 19 4.95 26.48 1.14
N LEU C 20 5.04 25.16 1.34
CA LEU C 20 5.56 24.24 0.28
C LEU C 20 4.41 23.62 -0.52
N ASN C 21 3.35 23.13 0.17
CA ASN C 21 2.32 22.33 -0.43
C ASN C 21 2.96 21.29 -1.38
N ASP C 22 3.89 20.50 -0.84
CA ASP C 22 4.58 19.55 -1.72
C ASP C 22 5.25 18.49 -0.87
N LYS C 23 5.47 17.33 -1.50
CA LYS C 23 6.21 16.32 -0.83
C LYS C 23 7.70 16.68 -0.73
N ILE C 24 8.36 16.01 0.20
CA ILE C 24 9.84 16.12 0.34
C ILE C 24 10.53 15.49 -0.88
N PHE C 25 11.49 16.25 -1.47
CA PHE C 25 12.23 15.76 -2.64
C PHE C 25 13.40 14.86 -2.24
N SER C 26 14.16 15.26 -1.20
CA SER C 26 15.23 14.45 -0.71
C SER C 26 15.30 14.51 0.83
N TYR C 27 15.81 13.42 1.39
N TYR C 27 15.77 13.40 1.38
CA TYR C 27 15.97 13.28 2.81
CA TYR C 27 15.95 13.21 2.81
C TYR C 27 17.36 12.74 3.10
C TYR C 27 17.41 12.80 3.01
N THR C 28 18.13 13.49 3.90
CA THR C 28 19.55 13.20 4.21
C THR C 28 19.65 13.10 5.72
N GLU C 29 20.35 12.07 6.18
CA GLU C 29 20.52 11.86 7.61
C GLU C 29 22.00 11.53 7.88
N SER C 30 22.54 12.05 8.98
CA SER C 30 23.96 11.87 9.31
C SER C 30 24.10 11.46 10.77
N LEU C 31 25.00 10.50 11.00
CA LEU C 31 25.45 10.09 12.36
C LEU C 31 26.85 10.57 12.67
N ALA C 32 27.46 11.39 11.79
CA ALA C 32 28.82 11.82 12.01
C ALA C 32 28.86 12.77 13.22
N GLY C 33 29.99 12.74 13.96
CA GLY C 33 30.16 13.43 15.23
C GLY C 33 30.14 14.95 15.07
N LYS C 34 29.15 15.56 15.77
CA LYS C 34 28.82 17.03 15.73
C LYS C 34 27.95 17.40 14.51
N ARG C 35 27.50 16.44 13.71
CA ARG C 35 26.56 16.70 12.60
C ARG C 35 25.46 15.64 12.63
N GLU C 36 24.96 15.31 13.84
CA GLU C 36 23.91 14.35 13.95
C GLU C 36 22.58 15.04 13.73
N MET C 37 22.14 15.00 12.48
CA MET C 37 21.13 15.89 11.97
C MET C 37 20.41 15.24 10.79
N ALA C 38 19.32 15.88 10.37
CA ALA C 38 18.66 15.58 9.08
C ALA C 38 18.53 16.83 8.27
N ILE C 39 18.55 16.65 6.94
CA ILE C 39 18.46 17.76 6.00
C ILE C 39 17.42 17.37 4.96
N ILE C 40 16.41 18.19 4.76
CA ILE C 40 15.48 17.92 3.67
C ILE C 40 15.53 19.02 2.61
N THR C 41 15.14 18.63 1.39
CA THR C 41 14.94 19.58 0.31
C THR C 41 13.62 19.34 -0.36
N PHE C 42 13.13 20.39 -1.00
CA PHE C 42 11.98 20.33 -1.88
C PHE C 42 12.46 20.57 -3.32
N LYS C 43 11.56 20.27 -4.25
CA LYS C 43 11.86 20.28 -5.70
C LYS C 43 12.29 21.69 -6.12
N ASN C 44 11.71 22.71 -5.48
CA ASN C 44 12.03 24.08 -5.66
C ASN C 44 13.39 24.46 -5.06
N GLY C 45 14.19 23.52 -4.57
CA GLY C 45 15.55 23.81 -4.01
C GLY C 45 15.56 24.27 -2.55
N ALA C 46 14.40 24.53 -1.95
CA ALA C 46 14.36 24.97 -0.57
C ALA C 46 14.91 23.84 0.29
N THR C 47 15.79 24.20 1.22
CA THR C 47 16.54 23.23 2.00
C THR C 47 16.41 23.61 3.48
N PHE C 48 16.17 22.61 4.30
CA PHE C 48 15.92 22.80 5.73
C PHE C 48 16.67 21.79 6.55
N GLN C 49 17.08 22.20 7.76
CA GLN C 49 17.71 21.28 8.71
C GLN C 49 16.82 21.04 9.95
N VAL C 50 17.01 19.87 10.56
CA VAL C 50 16.70 19.70 11.97
C VAL C 50 18.07 19.88 12.64
N GLU C 51 18.17 20.89 13.49
CA GLU C 51 19.45 21.22 14.11
C GLU C 51 20.01 20.07 14.97
N VAL C 52 21.34 20.03 14.97
CA VAL C 52 22.08 19.24 15.88
C VAL C 52 21.70 19.70 17.29
N PRO C 53 21.32 18.79 18.20
CA PRO C 53 20.97 19.24 19.55
C PRO C 53 22.14 20.00 20.22
N GLY C 54 21.92 21.22 20.73
CA GLY C 54 23.00 21.93 21.45
C GLY C 54 22.48 22.88 22.51
N SER C 55 23.30 23.90 22.80
CA SER C 55 23.10 24.82 23.94
C SER C 55 21.89 25.76 23.73
N GLN C 56 21.47 25.95 22.46
CA GLN C 56 20.32 26.80 22.11
C GLN C 56 18.98 26.06 22.37
N HIS C 57 19.03 24.76 22.73
CA HIS C 57 17.80 23.93 23.01
C HIS C 57 17.65 23.78 24.52
N ILE C 58 16.39 23.82 24.98
N ILE C 58 16.40 23.61 25.00
CA ILE C 58 16.01 23.45 26.35
CA ILE C 58 16.15 23.28 26.41
C ILE C 58 15.80 21.94 26.31
C ILE C 58 15.78 21.80 26.50
N ASP C 59 16.37 21.21 27.26
N ASP C 59 15.64 21.28 27.73
CA ASP C 59 16.71 19.83 26.96
CA ASP C 59 15.53 19.83 27.93
C ASP C 59 15.53 18.93 27.34
C ASP C 59 14.26 19.27 27.24
N SER C 60 14.34 19.39 26.89
N SER C 60 13.19 20.08 27.25
CA SER C 60 13.13 18.60 26.54
CA SER C 60 11.92 19.67 26.69
C SER C 60 12.73 18.85 25.07
C SER C 60 11.99 19.54 25.16
N GLN C 61 13.07 20.05 24.55
CA GLN C 61 13.18 20.09 23.09
C GLN C 61 14.02 18.88 22.57
N LYS C 62 14.77 18.18 23.41
CA LYS C 62 15.61 17.04 23.00
CA LYS C 62 15.61 17.05 23.00
CA LYS C 62 15.59 17.07 22.95
C LYS C 62 14.78 15.92 22.37
N LYS C 63 13.75 15.47 23.09
CA LYS C 63 12.87 14.44 22.57
C LYS C 63 12.16 14.97 21.33
N ALA C 64 11.84 16.28 21.33
CA ALA C 64 11.07 16.82 20.22
C ALA C 64 11.92 16.82 18.96
N ILE C 65 13.20 17.05 19.11
CA ILE C 65 14.10 17.04 17.97
C ILE C 65 14.13 15.63 17.34
N GLU C 66 14.23 14.64 18.19
CA GLU C 66 14.21 13.26 17.69
C GLU C 66 12.87 12.93 16.98
N ARG C 67 11.74 13.39 17.57
CA ARG C 67 10.43 13.14 16.97
C ARG C 67 10.39 13.76 15.56
N MET C 68 10.87 15.01 15.44
CA MET C 68 10.81 15.71 14.20
C MET C 68 11.57 14.97 13.11
N LYS C 69 12.76 14.45 13.43
CA LYS C 69 13.50 13.63 12.44
C LYS C 69 12.75 12.34 12.09
N ASP C 70 12.02 11.75 13.05
CA ASP C 70 11.15 10.60 12.74
C ASP C 70 10.05 11.03 11.75
N THR C 71 9.41 12.15 12.02
CA THR C 71 8.32 12.59 11.19
C THR C 71 8.77 12.89 9.75
N LEU C 72 9.92 13.56 9.58
CA LEU C 72 10.46 13.88 8.25
C LEU C 72 10.78 12.60 7.47
N ARG C 73 11.33 11.60 8.14
CA ARG C 73 11.66 10.34 7.44
C ARG C 73 10.38 9.66 6.93
N ILE C 74 9.39 9.48 7.82
CA ILE C 74 8.14 8.82 7.41
CA ILE C 74 8.16 8.82 7.39
C ILE C 74 7.40 9.68 6.38
N ALA C 75 7.41 11.02 6.53
CA ALA C 75 6.78 11.87 5.49
C ALA C 75 7.42 11.66 4.12
N TYR C 76 8.75 11.64 4.08
CA TYR C 76 9.48 11.38 2.86
C TYR C 76 9.05 10.05 2.24
N LEU C 77 9.06 8.99 3.03
CA LEU C 77 8.84 7.68 2.53
C LEU C 77 7.39 7.46 2.07
N THR C 78 6.44 8.23 2.60
CA THR C 78 5.04 8.06 2.28
C THR C 78 4.58 9.12 1.26
N GLU C 79 5.54 9.90 0.78
CA GLU C 79 5.29 11.06 -0.17
C GLU C 79 4.19 11.99 0.38
N ALA C 80 4.16 12.21 1.70
CA ALA C 80 3.17 13.02 2.35
C ALA C 80 3.39 14.49 1.96
N LYS C 81 2.30 15.19 1.68
CA LYS C 81 2.39 16.60 1.36
C LYS C 81 2.70 17.38 2.63
N VAL C 82 3.74 18.18 2.54
CA VAL C 82 4.08 19.13 3.56
C VAL C 82 3.40 20.45 3.20
N GLU C 83 2.48 20.92 4.04
CA GLU C 83 1.77 22.16 3.79
C GLU C 83 2.70 23.36 4.11
N LYS C 84 3.08 23.52 5.38
CA LYS C 84 3.91 24.61 5.82
C LYS C 84 5.02 24.10 6.73
N LEU C 85 6.13 24.83 6.75
CA LEU C 85 7.16 24.71 7.79
C LEU C 85 7.29 26.07 8.49
N CYS C 86 7.46 26.03 9.81
CA CYS C 86 7.84 27.19 10.61
C CYS C 86 9.31 27.01 10.89
N VAL C 87 10.13 27.97 10.49
CA VAL C 87 11.58 27.84 10.64
C VAL C 87 12.16 29.04 11.37
N TRP C 88 13.30 28.83 12.05
CA TRP C 88 14.20 29.87 12.42
C TRP C 88 15.05 30.30 11.22
N ASN C 89 14.92 31.56 10.84
CA ASN C 89 15.54 32.04 9.63
C ASN C 89 16.93 32.60 9.92
N ASN C 90 17.40 32.54 11.18
CA ASN C 90 18.74 33.10 11.58
C ASN C 90 19.81 32.00 11.54
N LYS C 91 19.45 30.86 10.96
CA LYS C 91 20.31 29.72 10.72
C LYS C 91 20.34 29.43 9.22
N THR C 92 21.47 28.85 8.76
CA THR C 92 21.61 28.46 7.38
C THR C 92 22.06 26.99 7.34
N PRO C 93 21.31 26.10 6.72
CA PRO C 93 19.97 26.32 6.18
C PRO C 93 18.98 26.69 7.31
N HIS C 94 17.78 27.13 6.93
CA HIS C 94 16.74 27.41 7.91
C HIS C 94 16.45 26.14 8.72
N ALA C 95 16.25 26.33 10.01
CA ALA C 95 16.08 25.24 10.97
C ALA C 95 14.62 25.09 11.34
N ILE C 96 14.11 23.90 11.19
CA ILE C 96 12.69 23.58 11.41
C ILE C 96 12.32 23.70 12.88
N ALA C 97 11.27 24.48 13.15
CA ALA C 97 10.62 24.53 14.42
C ALA C 97 9.27 23.81 14.43
N ALA C 98 8.54 23.77 13.31
CA ALA C 98 7.25 23.10 13.28
C ALA C 98 6.94 22.76 11.82
N ILE C 99 6.13 21.73 11.68
CA ILE C 99 5.68 21.25 10.36
CA ILE C 99 5.68 21.27 10.36
C ILE C 99 4.16 21.05 10.40
N SER C 100 3.49 21.34 9.29
CA SER C 100 2.07 20.98 9.12
C SER C 100 1.92 20.19 7.82
N MET C 101 1.08 19.15 7.88
CA MET C 101 0.82 18.27 6.78
C MET C 101 -0.69 18.27 6.58
N ALA C 102 -1.18 18.29 5.35
CA ALA C 102 -2.60 18.14 5.01
C ALA C 102 -2.70 17.54 3.59
N ASN C 103 -3.71 16.68 3.31
CA ASN C 103 -3.89 16.02 1.93
C ASN C 103 -3.81 17.09 0.81
N THR D 1 -11.77 -0.89 35.92
CA THR D 1 -11.12 -0.47 34.69
C THR D 1 -12.18 -0.37 33.60
N PRO D 2 -12.23 0.74 32.85
CA PRO D 2 -13.26 0.92 31.84
C PRO D 2 -13.02 -0.02 30.65
N GLN D 3 -14.06 -0.25 29.84
CA GLN D 3 -13.95 -1.09 28.65
C GLN D 3 -14.16 -0.33 27.34
N ASN D 4 -14.32 1.00 27.40
CA ASN D 4 -14.53 1.81 26.22
C ASN D 4 -14.22 3.25 26.59
N ILE D 5 -14.10 4.08 25.56
CA ILE D 5 -13.64 5.43 25.73
C ILE D 5 -14.68 6.31 26.44
N THR D 6 -15.98 6.06 26.21
CA THR D 6 -17.03 6.86 26.85
C THR D 6 -16.99 6.69 28.38
N ASP D 7 -16.83 5.46 28.85
CA ASP D 7 -16.79 5.14 30.27
C ASP D 7 -15.50 5.69 30.87
N LEU D 8 -14.40 5.52 30.18
CA LEU D 8 -13.14 6.13 30.61
C LEU D 8 -13.32 7.64 30.78
N CYS D 9 -13.91 8.28 29.77
N CYS D 9 -13.88 8.29 29.75
CA CYS D 9 -14.03 9.74 29.77
CA CYS D 9 -14.10 9.75 29.75
C CYS D 9 -14.90 10.21 30.95
C CYS D 9 -14.86 10.18 31.02
N ALA D 10 -15.91 9.44 31.36
CA ALA D 10 -16.79 9.79 32.50
C ALA D 10 -16.06 9.71 33.88
N GLU D 11 -14.85 9.15 33.92
CA GLU D 11 -14.11 9.03 35.17
CA GLU D 11 -14.07 9.02 35.16
C GLU D 11 -13.44 10.36 35.56
N TYR D 12 -13.38 11.32 34.63
CA TYR D 12 -12.61 12.57 34.84
C TYR D 12 -13.53 13.80 34.87
N HIS D 13 -13.12 14.83 35.63
CA HIS D 13 -13.77 16.14 35.55
C HIS D 13 -13.34 16.89 34.30
N ASN D 14 -14.22 17.80 33.80
CA ASN D 14 -13.88 18.74 32.72
C ASN D 14 -13.52 18.01 31.40
N THR D 15 -14.11 16.83 31.18
CA THR D 15 -13.90 16.12 29.99
C THR D 15 -15.21 15.97 29.24
N GLN D 16 -15.06 15.74 27.94
CA GLN D 16 -16.18 15.42 27.05
CA GLN D 16 -16.18 15.36 27.11
C GLN D 16 -15.69 14.48 25.94
N ILE D 17 -16.65 13.71 25.41
CA ILE D 17 -16.51 12.96 24.15
C ILE D 17 -16.87 13.85 22.94
N HIS D 18 -16.03 13.84 21.92
CA HIS D 18 -16.35 14.28 20.60
C HIS D 18 -16.45 13.07 19.69
N THR D 19 -17.49 13.01 18.85
CA THR D 19 -17.66 11.92 17.94
C THR D 19 -17.41 12.46 16.52
N LEU D 20 -16.31 12.06 15.91
CA LEU D 20 -15.81 12.57 14.62
C LEU D 20 -16.18 11.62 13.48
N ASN D 21 -15.93 10.33 13.67
CA ASN D 21 -16.07 9.34 12.60
C ASN D 21 -15.50 9.85 11.27
N ASP D 22 -14.24 10.28 11.32
CA ASP D 22 -13.61 10.82 10.17
C ASP D 22 -12.11 10.71 10.39
N LYS D 23 -11.37 10.77 9.29
CA LYS D 23 -9.92 10.75 9.31
C LYS D 23 -9.45 12.15 9.69
N ILE D 24 -8.21 12.25 10.11
CA ILE D 24 -7.67 13.54 10.47
C ILE D 24 -7.39 14.32 9.17
N PHE D 25 -7.70 15.62 9.19
CA PHE D 25 -7.55 16.48 8.06
C PHE D 25 -6.12 17.05 7.98
N SER D 26 -5.56 17.45 9.12
CA SER D 26 -4.22 17.97 9.17
C SER D 26 -3.56 17.60 10.49
N TYR D 27 -2.24 17.52 10.40
CA TYR D 27 -1.36 17.14 11.53
C TYR D 27 -0.27 18.19 11.62
N THR D 28 -0.14 18.84 12.79
CA THR D 28 0.86 19.81 13.01
C THR D 28 1.73 19.38 14.20
N GLU D 29 3.04 19.53 14.08
CA GLU D 29 3.98 19.14 15.09
C GLU D 29 4.98 20.25 15.29
N SER D 30 5.25 20.59 16.58
CA SER D 30 6.14 21.65 16.95
C SER D 30 7.17 21.17 17.97
N LEU D 31 8.44 21.55 17.72
CA LEU D 31 9.50 21.47 18.76
C LEU D 31 9.89 22.85 19.30
N ALA D 32 9.08 23.87 19.04
CA ALA D 32 9.42 25.17 19.53
C ALA D 32 9.40 25.25 21.08
N GLY D 33 10.34 25.99 21.68
CA GLY D 33 10.54 25.94 23.17
C GLY D 33 9.28 26.22 23.95
N LYS D 34 8.92 25.31 24.86
CA LYS D 34 7.79 25.39 25.80
C LYS D 34 6.45 25.10 25.13
N ARG D 35 6.49 24.76 23.84
CA ARG D 35 5.35 24.45 23.05
CA ARG D 35 5.35 24.44 23.09
C ARG D 35 5.61 23.17 22.25
N GLU D 36 6.30 22.21 22.84
CA GLU D 36 6.52 20.88 22.20
C GLU D 36 5.21 20.08 22.23
N MET D 37 4.51 20.00 21.10
CA MET D 37 3.13 19.53 21.11
C MET D 37 2.74 19.14 19.68
N ALA D 38 1.56 18.52 19.56
CA ALA D 38 0.94 18.26 18.28
C ALA D 38 -0.46 18.86 18.27
N ILE D 39 -0.90 19.20 17.05
CA ILE D 39 -2.24 19.72 16.84
C ILE D 39 -2.83 18.95 15.67
N ILE D 40 -4.05 18.42 15.85
CA ILE D 40 -4.81 17.84 14.72
C ILE D 40 -6.07 18.66 14.47
N THR D 41 -6.51 18.61 13.20
CA THR D 41 -7.77 19.19 12.81
C THR D 41 -8.54 18.19 11.94
N PHE D 42 -9.87 18.29 11.98
CA PHE D 42 -10.79 17.56 11.16
C PHE D 42 -11.43 18.52 10.14
N LYS D 43 -12.05 17.95 9.11
CA LYS D 43 -12.61 18.73 8.02
CA LYS D 43 -12.61 18.73 8.03
CA LYS D 43 -12.67 18.69 8.02
C LYS D 43 -13.68 19.69 8.58
N ASN D 44 -14.38 19.31 9.66
CA ASN D 44 -15.47 20.18 10.18
C ASN D 44 -14.84 21.41 10.86
N GLY D 45 -13.51 21.45 11.00
CA GLY D 45 -12.77 22.54 11.68
C GLY D 45 -12.52 22.25 13.17
N ALA D 46 -13.02 21.14 13.73
CA ALA D 46 -12.66 20.74 15.12
C ALA D 46 -11.14 20.59 15.22
N THR D 47 -10.61 21.20 16.28
CA THR D 47 -9.12 21.28 16.45
C THR D 47 -8.79 20.81 17.86
N PHE D 48 -7.75 19.98 17.95
CA PHE D 48 -7.40 19.28 19.23
C PHE D 48 -5.88 19.31 19.36
N GLN D 49 -5.42 19.38 20.61
CA GLN D 49 -3.99 19.30 20.89
C GLN D 49 -3.68 18.03 21.70
N VAL D 50 -2.42 17.56 21.60
CA VAL D 50 -1.78 16.86 22.68
C VAL D 50 -0.91 17.88 23.42
N GLU D 51 -1.23 18.09 24.71
CA GLU D 51 -0.66 19.20 25.44
C GLU D 51 0.84 18.98 25.65
N VAL D 52 1.55 20.07 25.79
CA VAL D 52 2.94 20.09 26.25
C VAL D 52 2.99 19.37 27.60
N PRO D 53 3.94 18.44 27.84
CA PRO D 53 4.10 17.84 29.17
C PRO D 53 4.38 18.94 30.21
N GLY D 54 3.65 18.90 31.34
CA GLY D 54 3.83 19.86 32.39
C GLY D 54 3.24 19.40 33.73
N SER D 55 2.93 20.35 34.62
CA SER D 55 2.64 19.99 36.01
C SER D 55 1.22 19.41 36.19
N GLN D 56 0.36 19.40 35.17
CA GLN D 56 -0.92 18.71 35.30
C GLN D 56 -0.69 17.19 35.13
N HIS D 57 0.49 16.79 34.65
CA HIS D 57 0.78 15.40 34.28
C HIS D 57 1.67 14.72 35.34
N ILE D 58 1.29 13.50 35.71
CA ILE D 58 2.04 12.71 36.64
C ILE D 58 3.09 11.90 35.83
N ASP D 59 4.05 11.28 36.52
CA ASP D 59 5.20 10.66 35.82
C ASP D 59 4.73 9.53 34.88
N SER D 60 3.66 8.85 35.27
CA SER D 60 3.15 7.72 34.55
C SER D 60 2.56 8.17 33.20
N GLN D 61 2.28 9.47 33.01
CA GLN D 61 1.65 9.92 31.81
C GLN D 61 2.69 10.25 30.73
N LYS D 62 3.96 10.42 31.09
CA LYS D 62 4.93 11.01 30.14
C LYS D 62 5.13 10.08 28.92
N LYS D 63 5.31 8.78 29.14
CA LYS D 63 5.43 7.91 28.00
C LYS D 63 4.11 7.93 27.19
N ALA D 64 2.96 8.00 27.87
CA ALA D 64 1.67 7.96 27.16
C ALA D 64 1.46 9.20 26.28
N ILE D 65 1.95 10.34 26.75
CA ILE D 65 1.86 11.57 25.98
C ILE D 65 2.65 11.40 24.66
N GLU D 66 3.84 10.82 24.74
CA GLU D 66 4.67 10.61 23.59
C GLU D 66 4.01 9.59 22.66
N ARG D 67 3.44 8.52 23.25
CA ARG D 67 2.73 7.52 22.48
C ARG D 67 1.57 8.14 21.69
N MET D 68 0.75 9.02 22.32
CA MET D 68 -0.40 9.63 21.73
C MET D 68 0.01 10.48 20.51
N LYS D 69 1.10 11.22 20.61
CA LYS D 69 1.62 11.93 19.41
C LYS D 69 2.08 10.96 18.28
N ASP D 70 2.72 9.84 18.62
CA ASP D 70 3.04 8.78 17.66
C ASP D 70 1.75 8.27 16.98
N THR D 71 0.72 8.02 17.79
CA THR D 71 -0.53 7.49 17.30
C THR D 71 -1.18 8.47 16.31
N LEU D 72 -1.21 9.78 16.64
CA LEU D 72 -1.90 10.69 15.77
C LEU D 72 -1.15 10.79 14.42
N ARG D 73 0.16 10.75 14.47
CA ARG D 73 0.96 10.86 13.26
C ARG D 73 0.66 9.66 12.35
N ILE D 74 0.68 8.45 12.89
CA ILE D 74 0.49 7.31 12.05
C ILE D 74 -1.00 7.19 11.63
N ALA D 75 -1.92 7.65 12.47
CA ALA D 75 -3.30 7.69 12.11
C ALA D 75 -3.50 8.63 10.90
N TYR D 76 -2.87 9.80 10.98
CA TYR D 76 -2.92 10.75 9.93
C TYR D 76 -2.41 10.18 8.60
N LEU D 77 -1.24 9.53 8.62
CA LEU D 77 -0.61 9.02 7.43
C LEU D 77 -1.30 7.77 6.85
N THR D 78 -2.07 7.03 7.66
CA THR D 78 -2.84 5.90 7.18
CA THR D 78 -2.86 5.87 7.29
C THR D 78 -4.30 6.29 6.88
N GLU D 79 -4.67 7.54 7.02
CA GLU D 79 -6.05 7.98 6.79
C GLU D 79 -7.03 7.14 7.66
N ALA D 80 -6.58 6.81 8.86
CA ALA D 80 -7.40 6.02 9.75
C ALA D 80 -8.56 6.84 10.29
N LYS D 81 -9.72 6.22 10.25
CA LYS D 81 -10.89 6.87 10.83
C LYS D 81 -10.80 6.97 12.36
N VAL D 82 -10.96 8.19 12.88
CA VAL D 82 -11.10 8.41 14.30
C VAL D 82 -12.59 8.33 14.64
N GLU D 83 -12.93 7.46 15.58
CA GLU D 83 -14.29 7.34 16.02
C GLU D 83 -14.59 8.49 16.99
N LYS D 84 -13.97 8.44 18.19
CA LYS D 84 -14.18 9.44 19.21
C LYS D 84 -12.87 9.92 19.80
N LEU D 85 -12.89 11.15 20.33
CA LEU D 85 -11.91 11.63 21.22
C LEU D 85 -12.53 11.98 22.56
N CYS D 86 -11.80 11.63 23.64
CA CYS D 86 -12.04 12.14 25.03
C CYS D 86 -11.09 13.29 25.29
N VAL D 87 -11.60 14.47 25.63
CA VAL D 87 -10.81 15.67 25.72
C VAL D 87 -11.14 16.42 27.02
N TRP D 88 -10.14 17.17 27.46
CA TRP D 88 -10.34 18.19 28.43
C TRP D 88 -10.81 19.44 27.71
N ASN D 89 -11.99 19.95 28.14
CA ASN D 89 -12.68 21.01 27.47
C ASN D 89 -12.40 22.35 28.14
N ASN D 90 -11.49 22.39 29.11
CA ASN D 90 -11.11 23.62 29.79
C ASN D 90 -9.74 24.10 29.27
N LYS D 91 -9.34 23.59 28.10
CA LYS D 91 -8.16 24.01 27.40
C LYS D 91 -8.57 24.48 26.01
N THR D 92 -7.73 25.29 25.38
CA THR D 92 -7.90 25.70 24.03
C THR D 92 -6.60 25.48 23.25
N PRO D 93 -6.63 24.68 22.17
CA PRO D 93 -7.80 23.86 21.81
C PRO D 93 -7.99 22.71 22.81
N HIS D 94 -9.13 22.02 22.72
CA HIS D 94 -9.40 20.91 23.58
C HIS D 94 -8.23 19.92 23.54
N ALA D 95 -7.88 19.40 24.73
CA ALA D 95 -6.68 18.60 24.94
C ALA D 95 -7.09 17.12 24.95
N ILE D 96 -6.38 16.29 24.18
CA ILE D 96 -6.71 14.89 24.04
C ILE D 96 -6.33 14.10 25.30
N ALA D 97 -7.28 13.37 25.83
CA ALA D 97 -7.08 12.43 26.91
C ALA D 97 -7.08 11.03 26.35
N ALA D 98 -7.92 10.72 25.36
CA ALA D 98 -7.91 9.40 24.82
C ALA D 98 -8.47 9.45 23.41
N ILE D 99 -8.26 8.36 22.68
CA ILE D 99 -8.70 8.27 21.26
C ILE D 99 -9.20 6.88 20.99
N SER D 100 -10.29 6.78 20.22
CA SER D 100 -10.69 5.51 19.74
C SER D 100 -10.76 5.55 18.21
N MET D 101 -10.29 4.45 17.59
CA MET D 101 -10.27 4.24 16.11
CA MET D 101 -10.31 4.26 16.10
C MET D 101 -11.14 3.03 15.78
N ALA D 102 -12.00 3.17 14.78
CA ALA D 102 -12.79 2.09 14.31
C ALA D 102 -13.33 2.52 12.94
N ASN D 103 -13.46 1.58 12.04
CA ASN D 103 -13.97 1.88 10.66
C ASN D 103 -14.69 0.65 10.15
N THR E 1 11.54 -23.32 27.67
CA THR E 1 11.07 -22.16 26.92
C THR E 1 10.00 -22.64 25.94
N PRO E 2 8.83 -22.02 25.96
CA PRO E 2 7.75 -22.51 25.11
C PRO E 2 7.95 -22.17 23.63
N GLN E 3 7.26 -22.92 22.76
CA GLN E 3 7.44 -22.73 21.35
C GLN E 3 6.19 -22.20 20.65
N ASN E 4 5.12 -21.94 21.42
CA ASN E 4 3.89 -21.44 20.85
C ASN E 4 3.12 -20.77 21.99
N ILE E 5 2.15 -19.93 21.60
CA ILE E 5 1.41 -19.15 22.57
C ILE E 5 0.59 -20.01 23.56
N THR E 6 0.09 -21.15 23.10
CA THR E 6 -0.78 -22.02 23.93
C THR E 6 0.05 -22.57 25.09
N ASP E 7 1.23 -23.09 24.76
CA ASP E 7 2.23 -23.60 25.73
C ASP E 7 2.75 -22.50 26.66
N LEU E 8 2.93 -21.26 26.16
CA LEU E 8 3.31 -20.15 27.00
C LEU E 8 2.18 -19.83 27.98
N CYS E 9 0.96 -19.73 27.46
N CYS E 9 0.95 -19.65 27.44
CA CYS E 9 -0.16 -19.40 28.28
CA CYS E 9 -0.27 -19.43 28.24
C CYS E 9 -0.33 -20.38 29.44
C CYS E 9 -0.27 -20.37 29.46
N ALA E 10 -0.05 -21.67 29.20
CA ALA E 10 -0.21 -22.71 30.23
C ALA E 10 0.84 -22.68 31.37
N GLU E 11 1.88 -21.86 31.24
N GLU E 11 1.88 -21.85 31.24
CA GLU E 11 2.89 -21.65 32.29
CA GLU E 11 2.90 -21.64 32.30
C GLU E 11 2.31 -20.82 33.46
C GLU E 11 2.40 -20.69 33.40
N TYR E 12 1.21 -20.09 33.21
CA TYR E 12 0.71 -19.02 34.11
C TYR E 12 -0.62 -19.45 34.73
N HIS E 13 -0.88 -18.96 35.94
CA HIS E 13 -2.22 -19.14 36.54
C HIS E 13 -3.18 -18.10 35.99
N ASN E 14 -4.49 -18.43 36.02
CA ASN E 14 -5.55 -17.46 35.71
C ASN E 14 -5.44 -16.96 34.26
N THR E 15 -4.98 -17.82 33.37
CA THR E 15 -4.96 -17.46 31.95
C THR E 15 -5.82 -18.41 31.11
N GLN E 16 -6.09 -17.96 29.89
CA GLN E 16 -6.76 -18.74 28.87
C GLN E 16 -6.40 -18.15 27.49
N ILE E 17 -6.54 -19.00 26.50
CA ILE E 17 -6.38 -18.61 25.12
C ILE E 17 -7.77 -18.28 24.56
N HIS E 18 -7.86 -17.09 23.94
CA HIS E 18 -8.96 -16.83 23.06
C HIS E 18 -8.46 -16.99 21.63
N THR E 19 -9.20 -17.74 20.84
CA THR E 19 -8.92 -17.96 19.43
C THR E 19 -9.87 -17.04 18.62
N LEU E 20 -9.31 -16.03 17.98
CA LEU E 20 -10.08 -14.94 17.35
C LEU E 20 -10.11 -15.15 15.84
N ASN E 21 -8.93 -15.40 15.26
CA ASN E 21 -8.78 -15.50 13.83
C ASN E 21 -9.50 -14.35 13.13
N ASP E 22 -9.21 -13.12 13.55
CA ASP E 22 -9.89 -11.98 12.93
C ASP E 22 -9.06 -10.73 13.20
N LYS E 23 -9.32 -9.68 12.43
CA LYS E 23 -8.66 -8.39 12.63
CA LYS E 23 -8.70 -8.38 12.61
CA LYS E 23 -8.63 -8.42 12.68
C LYS E 23 -9.27 -7.71 13.88
N ILE E 24 -8.52 -6.76 14.44
CA ILE E 24 -8.97 -5.90 15.45
C ILE E 24 -10.05 -4.95 14.85
N PHE E 25 -11.18 -4.81 15.55
CA PHE E 25 -12.27 -3.98 15.11
C PHE E 25 -12.07 -2.53 15.57
N SER E 26 -11.65 -2.35 16.84
CA SER E 26 -11.39 -1.02 17.35
C SER E 26 -10.14 -1.00 18.25
N TYR E 27 -9.51 0.19 18.26
N TYR E 27 -9.48 0.17 18.25
CA TYR E 27 -8.32 0.44 19.02
CA TYR E 27 -8.28 0.42 19.02
C TYR E 27 -8.56 1.73 19.82
C TYR E 27 -8.49 1.73 19.81
N THR E 28 -8.36 1.67 21.14
CA THR E 28 -8.51 2.80 21.98
C THR E 28 -7.23 2.95 22.80
N GLU E 29 -6.78 4.20 22.98
CA GLU E 29 -5.58 4.50 23.75
C GLU E 29 -5.80 5.75 24.62
N SER E 30 -5.29 5.72 25.84
CA SER E 30 -5.53 6.75 26.78
C SER E 30 -4.23 7.21 27.40
N LEU E 31 -4.10 8.53 27.63
CA LEU E 31 -2.94 9.09 28.41
C LEU E 31 -3.41 9.72 29.73
N ALA E 32 -4.69 9.57 30.06
CA ALA E 32 -5.26 10.11 31.29
C ALA E 32 -4.64 9.42 32.52
N GLY E 33 -4.39 10.21 33.56
CA GLY E 33 -3.68 9.74 34.73
C GLY E 33 -4.41 8.59 35.36
N LYS E 34 -3.63 7.52 35.59
CA LYS E 34 -4.06 6.26 36.22
C LYS E 34 -4.83 5.37 35.23
N ARG E 35 -5.01 5.83 33.98
CA ARG E 35 -5.63 5.00 32.89
C ARG E 35 -4.74 5.06 31.63
N GLU E 36 -3.42 4.95 31.83
CA GLU E 36 -2.45 4.96 30.74
C GLU E 36 -2.39 3.53 30.16
N MET E 37 -3.29 3.26 29.21
CA MET E 37 -3.59 1.90 28.78
C MET E 37 -4.08 1.92 27.31
N ALA E 38 -4.23 0.73 26.75
CA ALA E 38 -4.89 0.52 25.50
C ALA E 38 -5.98 -0.54 25.65
N ILE E 39 -7.03 -0.41 24.83
CA ILE E 39 -8.16 -1.34 24.83
C ILE E 39 -8.38 -1.69 23.36
N ILE E 40 -8.51 -2.98 23.02
CA ILE E 40 -8.97 -3.37 21.72
C ILE E 40 -10.27 -4.17 21.80
N THR E 41 -11.04 -4.09 20.71
CA THR E 41 -12.23 -4.94 20.59
C THR E 41 -12.23 -5.67 19.24
N PHE E 42 -12.96 -6.78 19.23
CA PHE E 42 -13.24 -7.53 18.05
C PHE E 42 -14.73 -7.34 17.71
N LYS E 43 -15.09 -7.69 16.47
CA LYS E 43 -16.44 -7.47 15.94
C LYS E 43 -17.54 -8.11 16.79
N ASN E 44 -17.26 -9.29 17.33
CA ASN E 44 -18.16 -10.05 18.28
C ASN E 44 -18.28 -9.43 19.68
N GLY E 45 -17.54 -8.34 19.94
CA GLY E 45 -17.54 -7.55 21.19
C GLY E 45 -16.49 -7.96 22.21
N ALA E 46 -15.76 -9.06 21.96
CA ALA E 46 -14.66 -9.42 22.86
C ALA E 46 -13.77 -8.17 23.03
N THR E 47 -13.43 -7.88 24.28
CA THR E 47 -12.76 -6.67 24.67
C THR E 47 -11.56 -7.04 25.50
N PHE E 48 -10.40 -6.46 25.20
CA PHE E 48 -9.16 -6.78 25.93
C PHE E 48 -8.35 -5.50 26.25
N GLN E 49 -7.60 -5.50 27.39
CA GLN E 49 -6.79 -4.41 27.75
C GLN E 49 -5.30 -4.80 27.71
N VAL E 50 -4.45 -3.80 27.57
CA VAL E 50 -3.06 -3.88 28.09
C VAL E 50 -3.08 -3.08 29.38
N GLU E 51 -2.73 -3.73 30.50
CA GLU E 51 -2.91 -3.16 31.84
C GLU E 51 -2.15 -1.83 31.96
N VAL E 52 -2.69 -0.93 32.78
CA VAL E 52 -1.86 0.18 33.31
C VAL E 52 -0.68 -0.41 34.07
N PRO E 53 0.56 0.05 33.84
CA PRO E 53 1.70 -0.44 34.60
C PRO E 53 1.53 -0.25 36.10
N GLY E 54 1.93 -1.23 36.89
CA GLY E 54 1.97 -1.05 38.32
C GLY E 54 2.73 -2.13 39.04
N SER E 55 2.42 -2.25 40.34
CA SER E 55 3.20 -3.10 41.22
C SER E 55 2.84 -4.58 40.96
N GLN E 56 1.84 -4.85 40.12
CA GLN E 56 1.58 -6.24 39.68
C GLN E 56 2.61 -6.68 38.59
N HIS E 57 3.42 -5.77 38.09
CA HIS E 57 4.37 -6.02 37.04
C HIS E 57 5.81 -5.99 37.56
N ILE E 58 6.64 -6.91 37.07
CA ILE E 58 8.07 -6.86 37.38
C ILE E 58 8.78 -5.94 36.39
N ASP E 59 10.01 -5.55 36.70
CA ASP E 59 10.70 -4.46 35.94
C ASP E 59 10.88 -4.89 34.48
N SER E 60 11.15 -6.19 34.27
CA SER E 60 11.38 -6.66 32.94
C SER E 60 10.12 -6.60 32.08
N GLN E 61 8.94 -6.45 32.67
CA GLN E 61 7.74 -6.35 31.83
C GLN E 61 7.52 -4.91 31.30
N LYS E 62 8.19 -3.90 31.84
CA LYS E 62 7.74 -2.54 31.49
CA LYS E 62 7.97 -2.44 31.52
C LYS E 62 8.03 -2.23 30.00
N LYS E 63 9.15 -2.69 29.44
CA LYS E 63 9.41 -2.47 28.03
CA LYS E 63 9.44 -2.50 28.02
C LYS E 63 8.43 -3.31 27.19
N ALA E 64 8.07 -4.51 27.69
CA ALA E 64 7.27 -5.39 26.93
C ALA E 64 5.82 -4.89 26.87
N ILE E 65 5.35 -4.27 27.95
CA ILE E 65 4.03 -3.63 27.96
C ILE E 65 3.98 -2.53 26.89
N GLU E 66 5.05 -1.71 26.83
CA GLU E 66 5.14 -0.65 25.78
C GLU E 66 5.18 -1.24 24.38
N ARG E 67 5.88 -2.36 24.21
CA ARG E 67 5.95 -3.02 22.94
C ARG E 67 4.56 -3.56 22.50
N MET E 68 3.82 -4.13 23.44
CA MET E 68 2.56 -4.80 23.12
C MET E 68 1.60 -3.70 22.62
N LYS E 69 1.66 -2.53 23.23
CA LYS E 69 0.75 -1.47 22.79
C LYS E 69 1.13 -1.09 21.35
N ASP E 70 2.41 -1.00 21.07
CA ASP E 70 2.92 -0.70 19.70
C ASP E 70 2.40 -1.76 18.73
N THR E 71 2.48 -3.04 19.11
CA THR E 71 2.10 -4.11 18.30
C THR E 71 0.58 -4.08 17.96
N LEU E 72 -0.22 -3.80 18.96
CA LEU E 72 -1.70 -3.75 18.80
C LEU E 72 -2.07 -2.61 17.86
N ARG E 73 -1.39 -1.47 18.01
CA ARG E 73 -1.71 -0.32 17.12
C ARG E 73 -1.34 -0.63 15.66
N ILE E 74 -0.18 -1.25 15.45
CA ILE E 74 0.19 -1.54 14.04
C ILE E 74 -0.61 -2.71 13.47
N ALA E 75 -0.98 -3.66 14.34
CA ALA E 75 -1.87 -4.70 13.92
C ALA E 75 -3.21 -4.09 13.46
N TYR E 76 -3.74 -3.15 14.24
CA TYR E 76 -5.03 -2.58 13.94
C TYR E 76 -4.94 -1.87 12.59
N LEU E 77 -3.88 -1.07 12.40
CA LEU E 77 -3.77 -0.17 11.24
C LEU E 77 -3.43 -0.93 9.97
N THR E 78 -2.92 -2.16 10.07
CA THR E 78 -2.62 -2.99 8.93
C THR E 78 -3.71 -4.05 8.70
N GLU E 79 -4.76 -4.06 9.54
CA GLU E 79 -5.81 -5.10 9.51
C GLU E 79 -5.19 -6.51 9.60
N ALA E 80 -4.15 -6.65 10.39
CA ALA E 80 -3.52 -7.99 10.54
C ALA E 80 -4.47 -8.92 11.27
N LYS E 81 -4.56 -10.15 10.82
CA LYS E 81 -5.34 -11.11 11.48
C LYS E 81 -4.66 -11.49 12.79
N VAL E 82 -5.44 -11.43 13.88
CA VAL E 82 -5.00 -11.95 15.18
C VAL E 82 -5.52 -13.39 15.31
N GLU E 83 -4.58 -14.33 15.43
CA GLU E 83 -4.88 -15.77 15.58
C GLU E 83 -5.40 -16.01 17.00
N LYS E 84 -4.51 -15.90 18.00
CA LYS E 84 -4.80 -16.09 19.42
C LYS E 84 -4.33 -14.91 20.29
N LEU E 85 -5.06 -14.71 21.38
CA LEU E 85 -4.54 -13.97 22.53
C LEU E 85 -4.51 -14.87 23.72
N CYS E 86 -3.42 -14.78 24.48
CA CYS E 86 -3.34 -15.29 25.83
C CYS E 86 -3.66 -14.17 26.78
N VAL E 87 -4.60 -14.37 27.71
CA VAL E 87 -5.05 -13.26 28.58
C VAL E 87 -5.17 -13.77 30.00
N TRP E 88 -5.01 -12.88 30.94
CA TRP E 88 -5.43 -13.13 32.31
C TRP E 88 -6.94 -12.89 32.36
N ASN E 89 -7.69 -13.88 32.86
CA ASN E 89 -9.13 -13.83 32.88
C ASN E 89 -9.64 -13.30 34.23
N ASN E 90 -8.73 -12.98 35.17
CA ASN E 90 -9.09 -12.45 36.50
C ASN E 90 -9.07 -10.92 36.48
N LYS E 91 -8.96 -10.33 35.30
CA LYS E 91 -9.00 -8.91 35.04
C LYS E 91 -10.19 -8.65 34.14
N THR E 92 -10.74 -7.45 34.27
CA THR E 92 -11.89 -7.00 33.52
C THR E 92 -11.58 -5.61 32.97
N PRO E 93 -11.52 -5.50 31.64
CA PRO E 93 -11.57 -6.58 30.67
C PRO E 93 -10.34 -7.49 30.79
N HIS E 94 -10.40 -8.63 30.12
CA HIS E 94 -9.30 -9.55 30.11
CA HIS E 94 -9.30 -9.55 30.14
C HIS E 94 -8.04 -8.80 29.70
N ALA E 95 -6.95 -9.07 30.41
CA ALA E 95 -5.67 -8.42 30.16
C ALA E 95 -4.77 -9.29 29.31
N ILE E 96 -4.20 -8.68 28.27
CA ILE E 96 -3.35 -9.42 27.32
C ILE E 96 -1.97 -9.72 27.92
N ALA E 97 -1.61 -10.99 27.84
CA ALA E 97 -0.28 -11.53 28.20
C ALA E 97 0.53 -11.81 26.94
N ALA E 98 -0.14 -12.26 25.85
CA ALA E 98 0.57 -12.56 24.62
C ALA E 98 -0.40 -12.49 23.43
N ILE E 99 0.17 -12.35 22.25
CA ILE E 99 -0.58 -12.30 21.00
C ILE E 99 0.17 -13.16 19.98
N SER E 100 -0.58 -13.86 19.15
CA SER E 100 -0.04 -14.53 17.97
CA SER E 100 -0.07 -14.57 17.99
C SER E 100 -0.79 -14.06 16.72
N MET E 101 -0.01 -13.84 15.66
CA MET E 101 -0.53 -13.42 14.34
C MET E 101 -0.12 -14.47 13.32
N ALA E 102 -1.02 -14.84 12.39
CA ALA E 102 -0.77 -15.72 11.26
C ALA E 102 -1.87 -15.47 10.21
N ASN E 103 -1.58 -15.74 8.93
CA ASN E 103 -2.67 -15.76 7.90
C ASN E 103 -2.64 -17.06 7.09
N THR F 1 -14.98 -31.73 -14.42
CA THR F 1 -14.31 -30.47 -14.12
C THR F 1 -13.22 -30.62 -13.04
N PRO F 2 -11.97 -30.19 -13.35
N PRO F 2 -11.94 -30.34 -13.36
CA PRO F 2 -10.86 -30.29 -12.41
CA PRO F 2 -10.86 -30.39 -12.36
C PRO F 2 -11.10 -29.44 -11.15
C PRO F 2 -11.02 -29.42 -11.19
N GLN F 3 -10.43 -29.79 -10.05
CA GLN F 3 -10.52 -29.00 -8.85
C GLN F 3 -9.22 -28.27 -8.55
N ASN F 4 -8.17 -28.50 -9.32
CA ASN F 4 -6.90 -27.86 -9.09
C ASN F 4 -6.08 -27.91 -10.40
N ILE F 5 -5.00 -27.14 -10.44
CA ILE F 5 -4.21 -26.99 -11.65
C ILE F 5 -3.58 -28.32 -12.11
N THR F 6 -3.14 -29.10 -11.14
CA THR F 6 -2.46 -30.39 -11.50
C THR F 6 -3.44 -31.30 -12.26
N ASP F 7 -4.68 -31.46 -11.76
CA ASP F 7 -5.67 -32.36 -12.40
C ASP F 7 -6.12 -31.74 -13.76
N LEU F 8 -6.28 -30.41 -13.81
CA LEU F 8 -6.50 -29.72 -15.10
C LEU F 8 -5.41 -30.22 -16.14
N CYS F 9 -4.15 -30.07 -15.70
N CYS F 9 -4.16 -30.05 -15.71
CA CYS F 9 -3.00 -30.22 -16.66
CA CYS F 9 -3.01 -30.22 -16.66
C CYS F 9 -2.92 -31.65 -17.22
C CYS F 9 -2.92 -31.65 -17.22
N ALA F 10 -3.38 -32.56 -16.35
CA ALA F 10 -3.41 -33.91 -16.68
C ALA F 10 -4.45 -34.21 -17.76
N GLU F 11 -5.43 -33.32 -17.98
CA GLU F 11 -6.48 -33.55 -18.97
C GLU F 11 -5.95 -33.30 -20.38
N TYR F 12 -4.78 -32.68 -20.52
CA TYR F 12 -4.23 -32.34 -21.84
C TYR F 12 -2.96 -33.15 -22.13
N HIS F 13 -2.72 -33.46 -23.42
CA HIS F 13 -1.45 -33.98 -23.93
CA HIS F 13 -1.39 -34.00 -23.77
C HIS F 13 -0.43 -32.83 -24.03
N ASN F 14 0.85 -33.19 -24.03
CA ASN F 14 1.94 -32.31 -24.28
C ASN F 14 1.96 -31.19 -23.25
N THR F 15 1.38 -31.37 -22.05
CA THR F 15 1.47 -30.32 -20.98
C THR F 15 2.29 -30.87 -19.82
N GLN F 16 2.78 -29.97 -18.95
CA GLN F 16 3.48 -30.35 -17.73
C GLN F 16 3.34 -29.19 -16.73
N ILE F 17 3.49 -29.53 -15.45
CA ILE F 17 3.45 -28.64 -14.31
C ILE F 17 4.89 -28.23 -14.00
N HIS F 18 5.08 -26.93 -13.82
CA HIS F 18 6.27 -26.45 -13.17
C HIS F 18 5.85 -25.91 -11.80
N THR F 19 6.62 -26.23 -10.78
CA THR F 19 6.38 -25.75 -9.44
C THR F 19 7.45 -24.68 -9.21
N LEU F 20 7.05 -23.41 -9.08
CA LEU F 20 7.99 -22.26 -8.98
CA LEU F 20 8.08 -22.39 -8.93
C LEU F 20 8.08 -21.81 -7.52
N ASN F 21 6.89 -21.69 -6.90
CA ASN F 21 6.75 -21.12 -5.54
C ASN F 21 7.64 -19.86 -5.41
N ASP F 22 7.49 -18.94 -6.32
CA ASP F 22 8.33 -17.73 -6.36
C ASP F 22 7.60 -16.62 -7.12
N LYS F 23 7.99 -15.37 -6.85
CA LYS F 23 7.45 -14.25 -7.60
CA LYS F 23 7.44 -14.25 -7.60
CA LYS F 23 7.55 -14.16 -7.56
C LYS F 23 8.13 -14.17 -8.98
N ILE F 24 7.47 -13.47 -9.92
CA ILE F 24 7.95 -13.24 -11.26
C ILE F 24 9.15 -12.30 -11.18
N PHE F 25 10.26 -12.68 -11.85
CA PHE F 25 11.49 -11.88 -11.85
C PHE F 25 11.44 -10.75 -12.90
N SER F 26 10.87 -11.05 -14.07
CA SER F 26 10.78 -10.09 -15.14
C SER F 26 9.51 -10.31 -15.96
N TYR F 27 8.98 -9.20 -16.47
N TYR F 27 8.99 -9.21 -16.48
CA TYR F 27 7.80 -9.16 -17.30
CA TYR F 27 7.78 -9.18 -17.30
C TYR F 27 8.15 -8.39 -18.59
C TYR F 27 8.05 -8.36 -18.58
N THR F 28 7.80 -8.98 -19.74
CA THR F 28 8.06 -8.37 -21.05
C THR F 28 6.77 -8.47 -21.87
N GLU F 29 6.39 -7.36 -22.49
CA GLU F 29 5.22 -7.33 -23.36
C GLU F 29 5.55 -6.62 -24.69
N SER F 30 4.99 -7.16 -25.79
CA SER F 30 5.22 -6.70 -27.18
C SER F 30 3.91 -6.48 -27.93
N LEU F 31 3.83 -5.34 -28.60
CA LEU F 31 2.75 -5.00 -29.56
C LEU F 31 3.24 -5.12 -31.01
N ALA F 32 4.49 -5.54 -31.22
CA ALA F 32 5.06 -5.68 -32.58
C ALA F 32 4.27 -6.73 -33.39
N GLY F 33 4.12 -6.47 -34.68
CA GLY F 33 3.24 -7.24 -35.53
C GLY F 33 3.69 -8.71 -35.69
N LYS F 34 2.77 -9.64 -35.46
CA LYS F 34 3.07 -11.14 -35.35
C LYS F 34 3.76 -11.57 -34.05
N ARG F 35 4.10 -10.65 -33.16
CA ARG F 35 4.71 -10.96 -31.87
C ARG F 35 3.97 -10.27 -30.72
N GLU F 36 2.65 -10.30 -30.77
CA GLU F 36 1.82 -9.72 -29.75
C GLU F 36 1.69 -10.73 -28.63
N MET F 37 2.65 -10.65 -27.68
CA MET F 37 2.87 -11.68 -26.71
C MET F 37 3.44 -11.08 -25.42
N ALA F 38 3.47 -11.93 -24.40
CA ALA F 38 4.13 -11.61 -23.13
C ALA F 38 5.11 -12.72 -22.79
N ILE F 39 6.19 -12.37 -22.10
CA ILE F 39 7.22 -13.31 -21.68
C ILE F 39 7.54 -12.98 -20.23
N ILE F 40 7.61 -14.00 -19.36
CA ILE F 40 7.97 -13.84 -17.98
C ILE F 40 9.18 -14.72 -17.70
N THR F 41 10.00 -14.29 -16.75
CA THR F 41 11.07 -15.12 -16.20
C THR F 41 11.00 -15.13 -14.68
N PHE F 42 11.58 -16.19 -14.13
CA PHE F 42 11.82 -16.39 -12.73
C PHE F 42 13.34 -16.29 -12.52
N LYS F 43 13.74 -16.11 -11.27
CA LYS F 43 15.14 -15.86 -10.88
C LYS F 43 16.03 -17.06 -11.23
N ASN F 44 15.46 -18.28 -11.22
CA ASN F 44 16.19 -19.49 -11.57
C ASN F 44 16.40 -19.63 -13.09
N GLY F 45 15.92 -18.65 -13.88
CA GLY F 45 16.17 -18.57 -15.33
C GLY F 45 15.02 -19.09 -16.18
N ALA F 46 14.04 -19.78 -15.57
CA ALA F 46 12.91 -20.31 -16.27
C ALA F 46 12.13 -19.19 -16.96
N THR F 47 11.82 -19.43 -18.24
CA THR F 47 11.17 -18.47 -19.12
C THR F 47 9.91 -19.10 -19.69
N PHE F 48 8.84 -18.30 -19.77
CA PHE F 48 7.55 -18.73 -20.22
C PHE F 48 6.96 -17.64 -21.12
N GLN F 49 6.12 -18.05 -22.06
CA GLN F 49 5.37 -17.08 -22.90
C GLN F 49 3.87 -17.28 -22.71
N VAL F 50 3.12 -16.22 -22.97
CA VAL F 50 1.74 -16.34 -23.42
C VAL F 50 1.79 -16.17 -24.94
N GLU F 51 1.44 -17.27 -25.61
CA GLU F 51 1.51 -17.31 -27.08
C GLU F 51 0.71 -16.19 -27.75
N VAL F 52 1.25 -15.75 -28.88
CA VAL F 52 0.52 -15.01 -29.86
C VAL F 52 -0.73 -15.79 -30.23
N PRO F 53 -1.94 -15.19 -30.25
CA PRO F 53 -3.12 -15.91 -30.69
C PRO F 53 -2.98 -16.38 -32.14
N GLY F 54 -3.22 -17.68 -32.39
CA GLY F 54 -3.17 -18.22 -33.76
C GLY F 54 -4.09 -19.41 -33.91
N SER F 55 -3.76 -20.27 -34.88
CA SER F 55 -4.59 -21.41 -35.31
C SER F 55 -4.63 -22.53 -34.25
N GLN F 56 -3.69 -22.51 -33.30
CA GLN F 56 -3.63 -23.51 -32.26
C GLN F 56 -4.71 -23.20 -31.19
N HIS F 57 -5.44 -22.08 -31.36
CA HIS F 57 -6.43 -21.65 -30.39
C HIS F 57 -7.81 -21.60 -31.01
N ILE F 58 -8.84 -21.92 -30.23
CA ILE F 58 -10.26 -21.83 -30.59
C ILE F 58 -10.81 -20.50 -30.04
N ASP F 59 -11.95 -20.03 -30.57
CA ASP F 59 -12.43 -18.67 -30.28
C ASP F 59 -12.62 -18.50 -28.76
N SER F 60 -12.96 -19.59 -28.08
CA SER F 60 -13.24 -19.57 -26.63
C SER F 60 -11.99 -19.25 -25.80
N GLN F 61 -10.80 -19.40 -26.36
CA GLN F 61 -9.57 -19.11 -25.68
C GLN F 61 -9.12 -17.63 -25.83
N LYS F 62 -9.72 -16.87 -26.75
CA LYS F 62 -9.16 -15.56 -27.05
CA LYS F 62 -9.32 -15.48 -27.10
C LYS F 62 -9.32 -14.61 -25.84
N LYS F 63 -10.48 -14.59 -25.16
CA LYS F 63 -10.59 -13.71 -24.01
C LYS F 63 -9.67 -14.21 -22.88
N ALA F 64 -9.49 -15.54 -22.75
CA ALA F 64 -8.68 -16.10 -21.74
C ALA F 64 -7.19 -15.77 -21.92
N ILE F 65 -6.72 -15.67 -23.17
CA ILE F 65 -5.34 -15.34 -23.44
C ILE F 65 -5.09 -13.90 -22.93
N GLU F 66 -6.04 -13.03 -23.22
CA GLU F 66 -5.91 -11.61 -22.80
C GLU F 66 -5.91 -11.54 -21.26
N ARG F 67 -6.82 -12.31 -20.65
CA ARG F 67 -6.90 -12.35 -19.18
C ARG F 67 -5.56 -12.75 -18.64
N MET F 68 -4.92 -13.76 -19.23
CA MET F 68 -3.74 -14.33 -18.66
C MET F 68 -2.59 -13.30 -18.66
N LYS F 69 -2.44 -12.54 -19.73
CA LYS F 69 -1.47 -11.43 -19.76
C LYS F 69 -1.80 -10.35 -18.70
N ASP F 70 -3.09 -10.08 -18.48
CA ASP F 70 -3.55 -9.18 -17.36
C ASP F 70 -3.05 -9.76 -16.02
N THR F 71 -3.24 -11.08 -15.81
CA THR F 71 -2.89 -11.73 -14.57
C THR F 71 -1.38 -11.69 -14.34
N LEU F 72 -0.57 -11.88 -15.37
CA LEU F 72 0.88 -11.92 -15.20
C LEU F 72 1.42 -10.53 -14.86
N ARG F 73 0.88 -9.53 -15.50
CA ARG F 73 1.29 -8.12 -15.23
C ARG F 73 1.00 -7.75 -13.77
N ILE F 74 -0.23 -7.96 -13.30
CA ILE F 74 -0.55 -7.57 -11.97
CA ILE F 74 -0.56 -7.56 -11.96
C ILE F 74 0.19 -8.45 -10.96
N ALA F 75 0.39 -9.77 -11.26
CA ALA F 75 1.15 -10.58 -10.36
C ALA F 75 2.58 -10.02 -10.23
N TYR F 76 3.16 -9.59 -11.36
CA TYR F 76 4.52 -9.10 -11.38
C TYR F 76 4.58 -7.84 -10.49
N LEU F 77 3.60 -6.94 -10.70
CA LEU F 77 3.64 -5.63 -10.00
C LEU F 77 3.28 -5.73 -8.51
N THR F 78 2.60 -6.79 -8.10
CA THR F 78 2.29 -7.02 -6.75
C THR F 78 3.26 -8.00 -6.07
N GLU F 79 4.29 -8.46 -6.79
CA GLU F 79 5.23 -9.50 -6.28
C GLU F 79 4.46 -10.73 -5.73
N ALA F 80 3.42 -11.15 -6.42
CA ALA F 80 2.60 -12.25 -5.94
C ALA F 80 3.34 -13.56 -6.22
N LYS F 81 3.40 -14.43 -5.23
CA LYS F 81 4.03 -15.76 -5.37
CA LYS F 81 4.07 -15.72 -5.43
C LYS F 81 3.23 -16.57 -6.39
N VAL F 82 3.89 -17.03 -7.45
CA VAL F 82 3.33 -18.05 -8.35
C VAL F 82 3.63 -19.41 -7.77
N GLU F 83 2.61 -20.24 -7.60
CA GLU F 83 2.76 -21.60 -7.09
C GLU F 83 3.21 -22.49 -8.25
N LYS F 84 2.28 -22.72 -9.18
CA LYS F 84 2.49 -23.62 -10.31
CA LYS F 84 2.48 -23.63 -10.30
C LYS F 84 2.05 -22.96 -11.61
N LEU F 85 2.74 -23.35 -12.71
CA LEU F 85 2.29 -23.14 -14.04
C LEU F 85 2.04 -24.49 -14.71
N CYS F 86 0.97 -24.54 -15.47
CA CYS F 86 0.68 -25.60 -16.42
C CYS F 86 1.06 -25.05 -17.79
N VAL F 87 2.00 -25.69 -18.45
CA VAL F 87 2.55 -25.24 -19.74
C VAL F 87 2.48 -26.34 -20.80
N TRP F 88 2.40 -25.88 -22.05
CA TRP F 88 2.75 -26.71 -23.21
C TRP F 88 4.29 -26.73 -23.35
N ASN F 89 4.90 -27.93 -23.24
CA ASN F 89 6.39 -28.02 -23.11
C ASN F 89 7.03 -28.27 -24.47
N ASN F 90 6.22 -28.44 -25.52
CA ASN F 90 6.71 -28.64 -26.90
CA ASN F 90 6.75 -28.64 -26.87
C ASN F 90 7.08 -27.27 -27.52
N LYS F 91 6.56 -26.16 -26.98
CA LYS F 91 6.84 -24.81 -27.45
C LYS F 91 8.14 -24.29 -26.81
N THR F 92 8.78 -23.32 -27.48
CA THR F 92 9.95 -22.62 -26.93
C THR F 92 9.78 -21.10 -27.05
N PRO F 93 9.81 -20.37 -25.95
CA PRO F 93 9.72 -20.87 -24.58
C PRO F 93 8.31 -21.48 -24.17
N HIS F 94 8.35 -22.24 -23.06
CA HIS F 94 7.16 -23.05 -22.70
C HIS F 94 5.97 -22.11 -22.70
N ALA F 95 4.81 -22.57 -23.15
CA ALA F 95 3.66 -21.70 -23.35
C ALA F 95 2.64 -21.94 -22.22
N ILE F 96 2.20 -20.89 -21.58
CA ILE F 96 1.42 -21.00 -20.39
C ILE F 96 0.01 -21.44 -20.76
N ALA F 97 -0.49 -22.49 -20.07
CA ALA F 97 -1.92 -22.87 -20.19
C ALA F 97 -2.73 -22.46 -18.94
N ALA F 98 -2.10 -22.52 -17.76
CA ALA F 98 -2.78 -22.20 -16.52
C ALA F 98 -1.75 -21.82 -15.46
N ILE F 99 -2.21 -21.02 -14.48
CA ILE F 99 -1.41 -20.47 -13.39
C ILE F 99 -2.17 -20.70 -12.09
N SER F 100 -1.42 -20.98 -11.02
CA SER F 100 -1.99 -20.98 -9.68
C SER F 100 -1.11 -20.12 -8.77
N MET F 101 -1.80 -19.35 -7.91
CA MET F 101 -1.15 -18.52 -6.93
C MET F 101 -1.70 -18.91 -5.55
N ALA F 102 -0.82 -19.10 -4.56
CA ALA F 102 -1.32 -19.61 -3.22
C ALA F 102 -0.35 -19.32 -2.06
N ASN F 103 -0.48 -18.14 -1.48
CA ASN F 103 0.45 -17.63 -0.48
C ASN F 103 -0.32 -16.78 0.52
N THR G 1 -36.57 -7.36 -7.04
CA THR G 1 -35.08 -7.35 -7.05
C THR G 1 -34.59 -7.63 -5.64
N PRO G 2 -33.67 -8.60 -5.47
CA PRO G 2 -33.17 -8.90 -4.14
C PRO G 2 -32.28 -7.77 -3.62
N GLN G 3 -32.17 -7.70 -2.29
CA GLN G 3 -31.38 -6.69 -1.68
C GLN G 3 -30.09 -7.23 -1.07
N ASN G 4 -29.87 -8.55 -1.13
CA ASN G 4 -28.69 -9.11 -0.54
C ASN G 4 -28.48 -10.47 -1.19
N ILE G 5 -27.33 -11.09 -0.95
CA ILE G 5 -26.96 -12.31 -1.69
C ILE G 5 -27.82 -13.50 -1.28
N THR G 6 -28.30 -13.49 -0.04
CA THR G 6 -29.10 -14.60 0.50
C THR G 6 -30.43 -14.65 -0.21
N ASP G 7 -31.09 -13.48 -0.31
CA ASP G 7 -32.35 -13.37 -0.98
C ASP G 7 -32.17 -13.71 -2.47
N LEU G 8 -31.05 -13.25 -3.07
CA LEU G 8 -30.78 -13.50 -4.48
CA LEU G 8 -30.76 -13.51 -4.48
C LEU G 8 -30.70 -15.02 -4.72
N CYS G 9 -30.00 -15.68 -3.82
N CYS G 9 -29.94 -15.68 -3.86
CA CYS G 9 -29.72 -17.08 -3.98
CA CYS G 9 -29.75 -17.14 -3.99
C CYS G 9 -31.01 -17.93 -3.89
C CYS G 9 -31.10 -17.86 -4.02
N ALA G 10 -32.00 -17.48 -3.11
CA ALA G 10 -33.33 -18.18 -2.95
C ALA G 10 -34.19 -18.05 -4.22
N GLU G 11 -33.79 -17.21 -5.16
CA GLU G 11 -34.52 -17.07 -6.42
CA GLU G 11 -34.56 -17.08 -6.41
C GLU G 11 -34.23 -18.23 -7.38
N TYR G 12 -33.19 -19.03 -7.10
CA TYR G 12 -32.73 -20.09 -8.02
C TYR G 12 -32.84 -21.47 -7.38
N HIS G 13 -33.08 -22.47 -8.25
CA HIS G 13 -33.04 -23.88 -7.91
C HIS G 13 -31.58 -24.34 -7.90
N ASN G 14 -31.32 -25.38 -7.10
CA ASN G 14 -30.02 -26.05 -7.06
C ASN G 14 -28.91 -25.08 -6.59
N THR G 15 -29.25 -24.09 -5.72
CA THR G 15 -28.25 -23.19 -5.15
C THR G 15 -28.21 -23.30 -3.63
N GLN G 16 -27.07 -22.87 -3.06
CA GLN G 16 -26.91 -22.69 -1.64
C GLN G 16 -25.93 -21.56 -1.36
N ILE G 17 -26.06 -21.02 -0.14
CA ILE G 17 -25.11 -20.09 0.45
C ILE G 17 -24.02 -20.84 1.24
N HIS G 18 -22.76 -20.50 0.92
CA HIS G 18 -21.57 -20.84 1.71
C HIS G 18 -21.07 -19.58 2.41
N THR G 19 -20.91 -19.65 3.74
CA THR G 19 -20.44 -18.52 4.49
C THR G 19 -18.97 -18.80 4.79
N LEU G 20 -18.05 -18.04 4.20
CA LEU G 20 -16.62 -18.32 4.37
C LEU G 20 -15.99 -17.38 5.40
N ASN G 21 -16.38 -16.09 5.38
CA ASN G 21 -15.77 -15.07 6.21
C ASN G 21 -14.25 -15.27 6.25
N ASP G 22 -13.64 -15.36 5.06
CA ASP G 22 -12.21 -15.58 5.00
C ASP G 22 -11.68 -15.12 3.63
N LYS G 23 -10.39 -14.81 3.59
CA LYS G 23 -9.70 -14.44 2.35
CA LYS G 23 -9.79 -14.42 2.33
C LYS G 23 -9.53 -15.68 1.48
N ILE G 24 -9.32 -15.47 0.18
CA ILE G 24 -9.07 -16.59 -0.72
C ILE G 24 -7.66 -17.13 -0.51
N PHE G 25 -7.56 -18.46 -0.44
CA PHE G 25 -6.28 -19.12 -0.18
C PHE G 25 -5.45 -19.34 -1.46
N SER G 26 -6.14 -19.68 -2.55
CA SER G 26 -5.53 -19.88 -3.83
C SER G 26 -6.48 -19.50 -4.94
N TYR G 27 -5.86 -19.09 -6.03
N TYR G 27 -5.87 -18.99 -6.00
CA TYR G 27 -6.48 -18.57 -7.23
CA TYR G 27 -6.51 -18.61 -7.22
C TYR G 27 -5.81 -19.25 -8.41
C TYR G 27 -5.79 -19.41 -8.30
N THR G 28 -6.63 -19.97 -9.19
CA THR G 28 -6.19 -20.64 -10.35
C THR G 28 -7.00 -20.13 -11.55
N GLU G 29 -6.29 -19.94 -12.66
CA GLU G 29 -6.90 -19.52 -13.93
C GLU G 29 -6.30 -20.33 -15.10
N SER G 30 -7.18 -20.68 -16.06
CA SER G 30 -6.75 -21.52 -17.19
C SER G 30 -7.21 -20.86 -18.49
N LEU G 31 -6.32 -20.79 -19.49
CA LEU G 31 -6.76 -20.46 -20.90
C LEU G 31 -6.85 -21.71 -21.80
N ALA G 32 -6.70 -22.93 -21.26
CA ALA G 32 -6.72 -24.17 -22.06
C ALA G 32 -8.11 -24.44 -22.66
N GLY G 33 -8.14 -24.94 -23.90
CA GLY G 33 -9.38 -25.07 -24.62
C GLY G 33 -10.34 -25.96 -23.85
N LYS G 34 -11.61 -25.49 -23.78
CA LYS G 34 -12.70 -26.12 -23.11
C LYS G 34 -12.47 -26.21 -21.60
N ARG G 35 -11.44 -25.46 -21.04
CA ARG G 35 -11.27 -25.24 -19.59
C ARG G 35 -10.87 -23.78 -19.27
N GLU G 36 -11.50 -22.86 -19.99
CA GLU G 36 -11.30 -21.44 -19.77
C GLU G 36 -12.13 -21.02 -18.56
N MET G 37 -11.52 -21.06 -17.37
CA MET G 37 -12.26 -21.11 -16.12
C MET G 37 -11.33 -20.59 -15.01
N ALA G 38 -11.89 -20.31 -13.83
CA ALA G 38 -11.11 -19.99 -12.66
C ALA G 38 -11.56 -20.92 -11.57
N ILE G 39 -10.62 -21.18 -10.66
CA ILE G 39 -10.83 -22.01 -9.46
C ILE G 39 -10.22 -21.28 -8.28
N ILE G 40 -11.03 -21.11 -7.22
CA ILE G 40 -10.53 -20.60 -5.93
C ILE G 40 -10.70 -21.67 -4.85
N THR G 41 -9.79 -21.63 -3.86
CA THR G 41 -9.92 -22.43 -2.66
C THR G 41 -9.73 -21.53 -1.43
N PHE G 42 -10.29 -22.03 -0.32
CA PHE G 42 -10.16 -21.44 0.99
C PHE G 42 -9.33 -22.37 1.87
N LYS G 43 -8.81 -21.82 2.97
CA LYS G 43 -7.94 -22.56 3.87
C LYS G 43 -8.60 -23.88 4.32
N ASN G 44 -9.93 -23.93 4.42
CA ASN G 44 -10.65 -25.11 4.95
C ASN G 44 -10.81 -26.19 3.87
N GLY G 45 -10.23 -25.97 2.67
CA GLY G 45 -10.29 -26.83 1.45
C GLY G 45 -11.52 -26.61 0.57
N ALA G 46 -12.43 -25.71 1.01
CA ALA G 46 -13.59 -25.42 0.21
C ALA G 46 -13.09 -24.91 -1.14
N THR G 47 -13.69 -25.44 -2.22
CA THR G 47 -13.20 -25.19 -3.57
C THR G 47 -14.39 -24.77 -4.45
N PHE G 48 -14.20 -23.72 -5.27
CA PHE G 48 -15.26 -23.19 -6.10
C PHE G 48 -14.74 -22.87 -7.48
N GLN G 49 -15.62 -22.94 -8.48
CA GLN G 49 -15.25 -22.56 -9.85
C GLN G 49 -16.11 -21.40 -10.31
N VAL G 50 -15.54 -20.68 -11.29
CA VAL G 50 -16.32 -19.93 -12.25
C VAL G 50 -16.38 -20.79 -13.53
N GLU G 51 -17.61 -21.23 -13.86
CA GLU G 51 -17.80 -22.18 -14.96
C GLU G 51 -17.26 -21.66 -16.31
N VAL G 52 -16.82 -22.61 -17.13
CA VAL G 52 -16.55 -22.29 -18.54
C VAL G 52 -17.86 -21.79 -19.19
N PRO G 53 -17.84 -20.68 -19.95
CA PRO G 53 -19.05 -20.26 -20.67
C PRO G 53 -19.63 -21.39 -21.53
N GLY G 54 -20.95 -21.59 -21.47
CA GLY G 54 -21.57 -22.71 -22.23
C GLY G 54 -23.06 -22.53 -22.43
N SER G 55 -23.69 -23.59 -22.94
CA SER G 55 -25.08 -23.46 -23.40
C SER G 55 -26.01 -23.22 -22.19
N GLN G 56 -25.49 -23.39 -20.96
CA GLN G 56 -26.30 -23.14 -19.74
C GLN G 56 -26.39 -21.63 -19.44
N HIS G 57 -25.61 -20.81 -20.15
CA HIS G 57 -25.53 -19.35 -19.93
C HIS G 57 -26.27 -18.60 -21.04
N ILE G 58 -27.10 -17.62 -20.67
CA ILE G 58 -27.71 -16.73 -21.62
C ILE G 58 -26.69 -15.62 -21.97
N ASP G 59 -26.98 -14.83 -23.00
CA ASP G 59 -26.02 -13.84 -23.54
C ASP G 59 -25.66 -12.78 -22.49
N SER G 60 -26.64 -12.37 -21.69
CA SER G 60 -26.42 -11.40 -20.59
C SER G 60 -25.44 -11.89 -19.52
N GLN G 61 -25.17 -13.20 -19.41
CA GLN G 61 -24.32 -13.70 -18.37
C GLN G 61 -22.85 -13.64 -18.82
N LYS G 62 -22.61 -13.54 -20.12
CA LYS G 62 -21.24 -13.68 -20.60
CA LYS G 62 -21.26 -13.62 -20.67
C LYS G 62 -20.36 -12.60 -19.97
N LYS G 63 -20.73 -11.30 -19.99
CA LYS G 63 -19.92 -10.20 -19.44
CA LYS G 63 -19.80 -10.31 -19.47
CA LYS G 63 -19.89 -10.24 -19.45
C LYS G 63 -19.75 -10.40 -17.92
N ALA G 64 -20.83 -10.90 -17.27
CA ALA G 64 -20.84 -11.11 -15.82
C ALA G 64 -19.86 -12.20 -15.41
N ILE G 65 -19.73 -13.23 -16.27
CA ILE G 65 -18.78 -14.31 -16.05
C ILE G 65 -17.35 -13.78 -16.06
N GLU G 66 -17.05 -12.92 -17.01
CA GLU G 66 -15.71 -12.35 -17.10
C GLU G 66 -15.44 -11.44 -15.89
N ARG G 67 -16.42 -10.60 -15.53
CA ARG G 67 -16.29 -9.73 -14.36
C ARG G 67 -16.02 -10.56 -13.08
N MET G 68 -16.68 -11.72 -12.92
CA MET G 68 -16.57 -12.47 -11.70
C MET G 68 -15.12 -12.97 -11.54
N LYS G 69 -14.56 -13.43 -12.68
CA LYS G 69 -13.15 -13.85 -12.64
C LYS G 69 -12.22 -12.65 -12.32
N ASP G 70 -12.53 -11.49 -12.88
CA ASP G 70 -11.76 -10.22 -12.53
C ASP G 70 -11.83 -10.00 -11.01
N THR G 71 -13.04 -10.13 -10.48
CA THR G 71 -13.30 -9.87 -9.05
C THR G 71 -12.49 -10.82 -8.18
N LEU G 72 -12.51 -12.13 -8.52
CA LEU G 72 -11.84 -13.09 -7.67
C LEU G 72 -10.33 -12.86 -7.63
N ARG G 73 -9.79 -12.52 -8.80
CA ARG G 73 -8.32 -12.22 -8.92
C ARG G 73 -7.89 -11.03 -8.04
N ILE G 74 -8.60 -9.93 -8.15
CA ILE G 74 -8.27 -8.76 -7.37
CA ILE G 74 -8.25 -8.78 -7.37
C ILE G 74 -8.58 -9.04 -5.88
N ALA G 75 -9.67 -9.76 -5.57
CA ALA G 75 -9.94 -10.12 -4.16
C ALA G 75 -8.75 -10.88 -3.59
N TYR G 76 -8.25 -11.87 -4.35
CA TYR G 76 -7.15 -12.68 -3.92
C TYR G 76 -5.93 -11.79 -3.65
N LEU G 77 -5.62 -10.92 -4.61
CA LEU G 77 -4.38 -10.11 -4.48
C LEU G 77 -4.46 -9.02 -3.40
N THR G 78 -5.67 -8.64 -3.02
CA THR G 78 -5.85 -7.68 -1.94
C THR G 78 -6.11 -8.36 -0.58
N GLU G 79 -6.13 -9.72 -0.54
CA GLU G 79 -6.50 -10.45 0.70
C GLU G 79 -7.86 -9.99 1.26
N ALA G 80 -8.80 -9.77 0.35
CA ALA G 80 -10.12 -9.31 0.68
C ALA G 80 -10.94 -10.43 1.31
N LYS G 81 -11.56 -10.13 2.42
CA LYS G 81 -12.43 -11.15 3.05
C LYS G 81 -13.66 -11.39 2.16
N VAL G 82 -13.90 -12.65 1.82
CA VAL G 82 -15.15 -13.07 1.20
C VAL G 82 -16.13 -13.47 2.31
N GLU G 83 -17.32 -12.85 2.28
CA GLU G 83 -18.35 -13.12 3.26
C GLU G 83 -19.07 -14.40 2.85
N LYS G 84 -19.81 -14.32 1.73
CA LYS G 84 -20.64 -15.39 1.27
C LYS G 84 -20.40 -15.66 -0.22
N LEU G 85 -20.55 -16.93 -0.60
CA LEU G 85 -20.75 -17.26 -1.95
C LEU G 85 -22.14 -17.91 -2.09
N CYS G 86 -22.88 -17.52 -3.14
CA CYS G 86 -24.07 -18.19 -3.62
C CYS G 86 -23.59 -19.10 -4.77
N VAL G 87 -23.83 -20.44 -4.69
CA VAL G 87 -23.25 -21.39 -5.67
C VAL G 87 -24.32 -22.39 -6.14
N TRP G 88 -24.15 -22.87 -7.39
CA TRP G 88 -24.87 -24.05 -7.86
C TRP G 88 -24.22 -25.31 -7.28
N ASN G 89 -25.04 -26.12 -6.58
CA ASN G 89 -24.44 -27.25 -5.82
C ASN G 89 -24.66 -28.55 -6.58
N ASN G 90 -25.10 -28.43 -7.84
CA ASN G 90 -25.25 -29.59 -8.75
C ASN G 90 -24.07 -29.64 -9.75
N LYS G 91 -23.01 -28.88 -9.47
CA LYS G 91 -21.74 -28.92 -10.19
C LYS G 91 -20.59 -29.13 -9.20
N THR G 92 -19.48 -29.70 -9.68
CA THR G 92 -18.36 -30.01 -8.80
C THR G 92 -17.11 -29.54 -9.53
N PRO G 93 -16.29 -28.72 -8.87
CA PRO G 93 -16.64 -28.00 -7.67
C PRO G 93 -17.96 -27.21 -7.86
N HIS G 94 -18.49 -26.72 -6.72
CA HIS G 94 -19.67 -25.85 -6.75
C HIS G 94 -19.34 -24.61 -7.60
N ALA G 95 -20.34 -24.16 -8.38
CA ALA G 95 -20.11 -23.10 -9.36
C ALA G 95 -20.64 -21.77 -8.84
N ILE G 96 -19.79 -20.73 -8.91
CA ILE G 96 -20.18 -19.45 -8.31
C ILE G 96 -21.24 -18.74 -9.16
N ALA G 97 -22.32 -18.31 -8.46
CA ALA G 97 -23.37 -17.50 -9.02
C ALA G 97 -23.22 -16.07 -8.51
N ALA G 98 -22.78 -15.92 -7.28
CA ALA G 98 -22.62 -14.55 -6.74
C ALA G 98 -21.64 -14.60 -5.57
N ILE G 99 -21.07 -13.42 -5.27
CA ILE G 99 -20.13 -13.27 -4.10
C ILE G 99 -20.48 -12.02 -3.34
N SER G 100 -20.26 -12.06 -2.02
CA SER G 100 -20.39 -10.88 -1.22
C SER G 100 -19.09 -10.73 -0.45
N MET G 101 -18.59 -9.49 -0.40
CA MET G 101 -17.40 -9.15 0.38
CA MET G 101 -17.38 -9.09 0.32
C MET G 101 -17.76 -8.11 1.42
N ALA G 102 -17.23 -8.33 2.63
CA ALA G 102 -17.47 -7.47 3.74
C ALA G 102 -16.46 -7.85 4.83
N ASN G 103 -16.02 -6.87 5.60
CA ASN G 103 -14.99 -7.07 6.62
C ASN G 103 -15.11 -5.99 7.69
N THR H 1 -24.39 21.48 -19.16
CA THR H 1 -23.76 20.35 -18.52
C THR H 1 -23.49 20.64 -17.05
N PRO H 2 -23.88 19.71 -16.14
CA PRO H 2 -23.71 19.92 -14.69
C PRO H 2 -22.24 19.92 -14.25
N GLN H 3 -21.92 20.64 -13.17
CA GLN H 3 -20.52 20.69 -12.72
C GLN H 3 -20.30 19.89 -11.44
N ASN H 4 -21.35 19.21 -10.96
CA ASN H 4 -21.29 18.41 -9.73
C ASN H 4 -22.50 17.47 -9.71
N ILE H 5 -22.47 16.49 -8.80
CA ILE H 5 -23.48 15.48 -8.75
C ILE H 5 -24.82 16.05 -8.26
N THR H 6 -24.82 17.14 -7.51
CA THR H 6 -26.05 17.66 -6.88
C THR H 6 -26.83 18.35 -8.01
N ASP H 7 -26.08 19.07 -8.87
CA ASP H 7 -26.65 19.70 -10.07
C ASP H 7 -27.12 18.64 -11.08
N LEU H 8 -26.34 17.57 -11.29
CA LEU H 8 -26.73 16.52 -12.20
C LEU H 8 -28.05 15.85 -11.73
N CYS H 9 -28.15 15.53 -10.44
N CYS H 9 -28.13 15.47 -10.45
CA CYS H 9 -29.24 14.73 -9.91
CA CYS H 9 -29.30 14.76 -9.93
C CYS H 9 -30.56 15.54 -9.94
C CYS H 9 -30.55 15.58 -10.14
N ALA H 10 -30.43 16.87 -9.84
CA ALA H 10 -31.56 17.78 -9.83
C ALA H 10 -32.32 17.78 -11.16
N GLU H 11 -31.65 17.34 -12.24
CA GLU H 11 -32.11 17.37 -13.59
C GLU H 11 -33.28 16.40 -13.82
N TYR H 12 -33.42 15.31 -13.04
CA TYR H 12 -34.33 14.19 -13.43
C TYR H 12 -35.51 14.08 -12.45
N HIS H 13 -36.64 13.57 -12.98
CA HIS H 13 -37.89 13.62 -12.23
CA HIS H 13 -37.98 13.43 -12.38
C HIS H 13 -37.94 12.57 -11.11
N ASN H 14 -37.22 11.45 -11.23
CA ASN H 14 -37.29 10.32 -10.35
C ASN H 14 -35.92 9.95 -9.75
N THR H 15 -35.11 10.96 -9.44
CA THR H 15 -33.84 10.72 -8.78
C THR H 15 -33.80 11.51 -7.47
N GLN H 16 -32.82 11.12 -6.64
N GLN H 16 -32.83 11.11 -6.64
CA GLN H 16 -32.50 11.85 -5.44
CA GLN H 16 -32.51 11.79 -5.40
C GLN H 16 -31.08 11.50 -4.98
C GLN H 16 -31.06 11.51 -5.00
N ILE H 17 -30.53 12.41 -4.17
CA ILE H 17 -29.21 12.33 -3.63
C ILE H 17 -29.27 11.63 -2.28
N HIS H 18 -28.33 10.70 -2.07
CA HIS H 18 -28.00 10.21 -0.72
C HIS H 18 -26.59 10.69 -0.38
N THR H 19 -26.41 11.30 0.81
CA THR H 19 -25.03 11.70 1.23
C THR H 19 -24.54 10.69 2.26
N LEU H 20 -23.52 9.88 1.89
CA LEU H 20 -23.05 8.78 2.76
C LEU H 20 -21.85 9.24 3.57
N ASN H 21 -20.93 9.96 2.93
CA ASN H 21 -19.63 10.36 3.56
C ASN H 21 -18.99 9.19 4.30
N ASP H 22 -18.93 8.04 3.62
CA ASP H 22 -18.47 6.80 4.22
C ASP H 22 -17.98 5.85 3.13
N LYS H 23 -17.10 4.93 3.52
CA LYS H 23 -16.69 3.86 2.65
CA LYS H 23 -16.67 3.85 2.65
C LYS H 23 -17.80 2.84 2.52
N ILE H 24 -17.73 2.02 1.47
CA ILE H 24 -18.65 0.93 1.23
C ILE H 24 -18.46 -0.19 2.25
N PHE H 25 -19.57 -0.64 2.89
CA PHE H 25 -19.52 -1.65 3.93
C PHE H 25 -19.47 -3.04 3.30
N SER H 26 -20.29 -3.28 2.26
CA SER H 26 -20.26 -4.59 1.56
C SER H 26 -20.47 -4.39 0.06
N TYR H 27 -19.82 -5.25 -0.72
CA TYR H 27 -19.97 -5.28 -2.16
C TYR H 27 -20.38 -6.69 -2.59
N THR H 28 -21.46 -6.80 -3.35
CA THR H 28 -22.00 -8.04 -3.77
C THR H 28 -22.16 -7.97 -5.28
N GLU H 29 -21.82 -9.06 -5.96
CA GLU H 29 -22.05 -9.10 -7.37
C GLU H 29 -22.48 -10.49 -7.81
N SER H 30 -23.35 -10.51 -8.87
CA SER H 30 -24.02 -11.72 -9.28
C SER H 30 -23.85 -11.94 -10.79
N LEU H 31 -23.62 -13.19 -11.21
CA LEU H 31 -23.60 -13.51 -12.65
C LEU H 31 -24.85 -14.32 -13.01
N ALA H 32 -25.77 -14.52 -12.05
CA ALA H 32 -26.86 -15.47 -12.34
C ALA H 32 -27.81 -14.84 -13.37
N GLY H 33 -28.44 -15.68 -14.18
CA GLY H 33 -29.23 -15.21 -15.32
C GLY H 33 -30.42 -14.33 -14.90
N LYS H 34 -30.49 -13.14 -15.49
CA LYS H 34 -31.54 -12.14 -15.21
C LYS H 34 -31.32 -11.38 -13.88
N ARG H 35 -30.24 -11.71 -13.16
CA ARG H 35 -29.81 -10.99 -11.95
C ARG H 35 -28.32 -10.64 -12.01
N GLU H 36 -27.87 -10.19 -13.19
CA GLU H 36 -26.47 -9.80 -13.42
C GLU H 36 -26.35 -8.34 -12.96
N MET H 37 -26.16 -8.16 -11.65
CA MET H 37 -26.31 -6.87 -10.95
C MET H 37 -25.23 -6.81 -9.85
N ALA H 38 -25.03 -5.62 -9.29
CA ALA H 38 -24.25 -5.43 -8.08
C ALA H 38 -25.11 -4.78 -6.99
N ILE H 39 -24.72 -5.04 -5.72
CA ILE H 39 -25.39 -4.47 -4.59
C ILE H 39 -24.31 -3.99 -3.65
N ILE H 40 -24.42 -2.73 -3.22
CA ILE H 40 -23.55 -2.21 -2.16
C ILE H 40 -24.39 -1.83 -0.96
N THR H 41 -23.78 -1.97 0.22
CA THR H 41 -24.42 -1.44 1.43
C THR H 41 -23.42 -0.55 2.19
N PHE H 42 -23.97 0.37 3.00
CA PHE H 42 -23.21 1.12 3.97
C PHE H 42 -23.60 0.65 5.39
N LYS H 43 -22.73 0.98 6.33
CA LYS H 43 -22.78 0.58 7.78
C LYS H 43 -24.16 0.85 8.36
N ASN H 44 -24.72 1.98 7.92
CA ASN H 44 -26.04 2.51 8.35
C ASN H 44 -27.23 1.72 7.75
N GLY H 45 -26.93 0.78 6.85
CA GLY H 45 -27.90 -0.10 6.20
C GLY H 45 -28.34 0.39 4.81
N ALA H 46 -28.03 1.63 4.44
CA ALA H 46 -28.35 2.10 3.06
C ALA H 46 -27.86 1.03 2.08
N THR H 47 -28.76 0.62 1.17
CA THR H 47 -28.54 -0.45 0.23
C THR H 47 -28.94 0.04 -1.18
N PHE H 48 -28.03 -0.19 -2.13
CA PHE H 48 -28.12 0.32 -3.46
C PHE H 48 -27.75 -0.77 -4.46
N GLN H 49 -28.39 -0.71 -5.62
CA GLN H 49 -28.07 -1.64 -6.72
C GLN H 49 -27.47 -0.88 -7.92
N VAL H 50 -26.69 -1.61 -8.70
CA VAL H 50 -26.45 -1.28 -10.09
C VAL H 50 -27.33 -2.24 -10.86
N GLU H 51 -28.33 -1.68 -11.51
CA GLU H 51 -29.38 -2.41 -12.19
C GLU H 51 -28.84 -3.40 -13.22
N VAL H 52 -29.59 -4.48 -13.38
CA VAL H 52 -29.45 -5.35 -14.50
C VAL H 52 -29.65 -4.49 -15.76
N PRO H 53 -28.77 -4.58 -16.77
CA PRO H 53 -28.93 -3.78 -17.99
C PRO H 53 -30.25 -4.08 -18.70
N GLY H 54 -30.96 -3.04 -19.16
CA GLY H 54 -32.26 -3.23 -19.88
C GLY H 54 -32.52 -2.04 -20.81
N SER H 55 -33.77 -1.92 -21.25
CA SER H 55 -34.14 -1.07 -22.35
C SER H 55 -34.08 0.39 -21.91
N GLN H 56 -34.11 0.62 -20.59
CA GLN H 56 -33.99 1.98 -20.02
C GLN H 56 -32.59 2.54 -20.30
N HIS H 57 -31.64 1.67 -20.65
CA HIS H 57 -30.28 2.09 -20.70
C HIS H 57 -29.91 2.27 -22.16
N ILE H 58 -29.79 3.54 -22.58
CA ILE H 58 -29.61 3.83 -24.02
C ILE H 58 -28.29 4.59 -24.18
N ASP H 59 -27.94 4.82 -25.44
CA ASP H 59 -26.70 5.55 -25.75
C ASP H 59 -25.51 4.86 -25.10
N SER H 60 -24.77 5.56 -24.22
CA SER H 60 -23.57 5.03 -23.59
C SER H 60 -23.87 4.37 -22.23
N GLN H 61 -25.15 4.18 -21.89
CA GLN H 61 -25.52 3.80 -20.56
C GLN H 61 -25.08 2.38 -20.26
N LYS H 62 -25.15 1.49 -21.24
CA LYS H 62 -24.80 0.10 -20.88
C LYS H 62 -23.30 0.02 -20.58
N LYS H 63 -22.49 0.71 -21.38
CA LYS H 63 -21.04 0.75 -21.07
C LYS H 63 -20.81 1.42 -19.72
N ALA H 64 -21.60 2.45 -19.40
CA ALA H 64 -21.41 3.13 -18.14
C ALA H 64 -21.85 2.27 -16.94
N ILE H 65 -22.82 1.37 -17.09
CA ILE H 65 -23.18 0.43 -16.07
C ILE H 65 -21.96 -0.44 -15.74
N GLU H 66 -21.26 -0.92 -16.78
CA GLU H 66 -20.08 -1.75 -16.53
C GLU H 66 -19.00 -0.94 -15.81
N ARG H 67 -18.80 0.31 -16.24
CA ARG H 67 -17.83 1.12 -15.58
C ARG H 67 -18.22 1.33 -14.11
N MET H 68 -19.50 1.56 -13.83
CA MET H 68 -19.92 1.79 -12.50
C MET H 68 -19.64 0.57 -11.61
N LYS H 69 -19.88 -0.63 -12.11
CA LYS H 69 -19.53 -1.81 -11.28
C LYS H 69 -18.03 -1.94 -11.07
N ASP H 70 -17.23 -1.56 -12.09
CA ASP H 70 -15.76 -1.47 -11.86
C ASP H 70 -15.43 -0.46 -10.74
N THR H 71 -16.03 0.74 -10.80
CA THR H 71 -15.73 1.78 -9.88
C THR H 71 -16.13 1.37 -8.47
N LEU H 72 -17.30 0.76 -8.31
CA LEU H 72 -17.70 0.38 -6.95
C LEU H 72 -16.74 -0.69 -6.38
N ARG H 73 -16.34 -1.63 -7.23
CA ARG H 73 -15.50 -2.70 -6.76
C ARG H 73 -14.17 -2.15 -6.24
N ILE H 74 -13.54 -1.27 -7.03
CA ILE H 74 -12.25 -0.75 -6.59
CA ILE H 74 -12.25 -0.71 -6.62
C ILE H 74 -12.46 0.25 -5.44
N ALA H 75 -13.60 0.95 -5.39
CA ALA H 75 -13.81 1.82 -4.24
C ALA H 75 -13.94 0.98 -2.97
N TYR H 76 -14.68 -0.11 -3.03
CA TYR H 76 -14.79 -1.00 -1.91
C TYR H 76 -13.38 -1.46 -1.46
N LEU H 77 -12.58 -1.95 -2.39
CA LEU H 77 -11.33 -2.61 -2.03
C LEU H 77 -10.26 -1.61 -1.58
N THR H 78 -10.41 -0.32 -1.96
CA THR H 78 -9.54 0.78 -1.51
C THR H 78 -10.13 1.55 -0.31
N GLU H 79 -11.34 1.17 0.18
CA GLU H 79 -11.98 1.83 1.29
C GLU H 79 -12.11 3.34 0.96
N ALA H 80 -12.34 3.67 -0.33
CA ALA H 80 -12.56 5.04 -0.71
C ALA H 80 -13.86 5.56 -0.09
N LYS H 81 -13.84 6.83 0.32
CA LYS H 81 -15.00 7.49 0.90
C LYS H 81 -15.95 7.84 -0.26
N VAL H 82 -17.21 7.42 -0.17
CA VAL H 82 -18.21 7.80 -1.10
C VAL H 82 -18.87 9.04 -0.49
N GLU H 83 -18.83 10.16 -1.22
CA GLU H 83 -19.51 11.36 -0.76
C GLU H 83 -21.03 11.23 -0.96
N LYS H 84 -21.43 11.26 -2.22
CA LYS H 84 -22.85 11.21 -2.60
C LYS H 84 -23.12 10.12 -3.65
N LEU H 85 -24.35 9.63 -3.61
CA LEU H 85 -24.93 8.88 -4.70
C LEU H 85 -26.14 9.59 -5.24
N CYS H 86 -26.26 9.61 -6.57
CA CYS H 86 -27.49 10.00 -7.24
C CYS H 86 -28.15 8.71 -7.67
N VAL H 87 -29.42 8.49 -7.30
CA VAL H 87 -30.09 7.20 -7.47
C VAL H 87 -31.48 7.42 -8.04
N TRP H 88 -31.91 6.46 -8.85
CA TRP H 88 -33.27 6.35 -9.27
C TRP H 88 -34.08 5.77 -8.12
N ASN H 89 -35.12 6.48 -7.69
CA ASN H 89 -35.91 6.12 -6.52
C ASN H 89 -37.22 5.43 -6.92
N ASN H 90 -37.38 5.11 -8.20
CA ASN H 90 -38.52 4.31 -8.69
C ASN H 90 -38.09 2.84 -8.83
N LYS H 91 -36.95 2.48 -8.21
CA LYS H 91 -36.50 1.09 -8.15
C LYS H 91 -36.19 0.74 -6.69
N THR H 92 -36.34 -0.55 -6.36
CA THR H 92 -36.09 -1.11 -5.03
C THR H 92 -35.10 -2.26 -5.22
N PRO H 93 -33.90 -2.21 -4.63
CA PRO H 93 -33.30 -1.08 -3.94
C PRO H 93 -33.05 0.08 -4.90
N HIS H 94 -32.86 1.29 -4.35
CA HIS H 94 -32.56 2.40 -5.18
C HIS H 94 -31.40 2.06 -6.10
N ALA H 95 -31.50 2.51 -7.37
CA ALA H 95 -30.48 2.23 -8.43
C ALA H 95 -29.52 3.39 -8.65
N ILE H 96 -28.23 3.10 -8.62
CA ILE H 96 -27.22 4.12 -8.76
C ILE H 96 -27.20 4.70 -10.17
N ALA H 97 -27.32 6.04 -10.23
CA ALA H 97 -27.16 6.81 -11.49
C ALA H 97 -25.82 7.51 -11.56
N ALA H 98 -25.27 7.88 -10.41
CA ALA H 98 -23.98 8.56 -10.37
C ALA H 98 -23.41 8.38 -8.96
N ILE H 99 -22.09 8.58 -8.87
CA ILE H 99 -21.34 8.57 -7.59
C ILE H 99 -20.35 9.76 -7.58
N SER H 100 -20.14 10.37 -6.42
CA SER H 100 -19.04 11.27 -6.21
C SER H 100 -18.19 10.72 -5.06
N MET H 101 -16.89 10.93 -5.19
CA MET H 101 -15.90 10.51 -4.19
CA MET H 101 -15.93 10.52 -4.17
C MET H 101 -15.02 11.72 -3.89
N ALA H 102 -14.84 12.03 -2.58
CA ALA H 102 -13.88 13.05 -2.14
C ALA H 102 -13.16 12.57 -0.83
N ASN H 103 -11.84 12.87 -0.67
CA ASN H 103 -11.07 12.72 0.65
C ASN H 103 -11.82 13.69 1.57
N THR I 1 4.50 14.80 -34.98
CA THR I 1 3.92 14.23 -33.72
C THR I 1 4.43 15.04 -32.52
N PRO I 2 3.54 15.51 -31.62
CA PRO I 2 3.97 16.33 -30.48
C PRO I 2 4.74 15.47 -29.47
N GLN I 3 5.62 16.12 -28.72
CA GLN I 3 6.41 15.41 -27.71
C GLN I 3 5.99 15.72 -26.28
N ASN I 4 4.98 16.58 -26.10
CA ASN I 4 4.54 16.93 -24.77
C ASN I 4 3.14 17.50 -24.90
N ILE I 5 2.46 17.67 -23.75
CA ILE I 5 1.11 18.02 -23.74
C ILE I 5 0.89 19.45 -24.24
N THR I 6 1.84 20.33 -23.97
CA THR I 6 1.68 21.74 -24.33
C THR I 6 1.64 21.86 -25.87
N ASP I 7 2.53 21.13 -26.55
CA ASP I 7 2.63 21.22 -27.98
C ASP I 7 1.45 20.47 -28.62
N LEU I 8 0.96 19.39 -27.98
CA LEU I 8 -0.20 18.71 -28.52
C LEU I 8 -1.40 19.68 -28.46
N CYS I 9 -1.57 20.32 -27.30
N CYS I 9 -1.57 20.30 -27.29
CA CYS I 9 -2.69 21.24 -27.08
CA CYS I 9 -2.63 21.28 -27.04
C CYS I 9 -2.68 22.34 -28.15
C CYS I 9 -2.67 22.27 -28.21
N ALA I 10 -1.49 22.77 -28.60
CA ALA I 10 -1.36 23.88 -29.54
C ALA I 10 -1.87 23.50 -30.95
N GLU I 11 -2.03 22.20 -31.25
CA GLU I 11 -2.47 21.71 -32.58
C GLU I 11 -3.98 21.90 -32.79
N TYR I 12 -4.75 22.28 -31.76
CA TYR I 12 -6.20 22.34 -31.80
C TYR I 12 -6.65 23.77 -31.54
N HIS I 13 -7.79 24.10 -32.14
CA HIS I 13 -8.51 25.32 -31.87
C HIS I 13 -9.31 25.17 -30.57
N ASN I 14 -9.54 26.32 -29.92
CA ASN I 14 -10.36 26.48 -28.72
C ASN I 14 -9.82 25.64 -27.56
N THR I 15 -8.48 25.51 -27.42
CA THR I 15 -7.89 24.77 -26.34
C THR I 15 -6.99 25.64 -25.47
N GLN I 16 -6.79 25.19 -24.23
CA GLN I 16 -5.79 25.78 -23.41
C GLN I 16 -5.21 24.74 -22.46
N ILE I 17 -4.00 25.05 -21.96
CA ILE I 17 -3.39 24.31 -20.87
C ILE I 17 -3.80 24.88 -19.51
N HIS I 18 -4.23 24.01 -18.56
CA HIS I 18 -4.31 24.36 -17.16
C HIS I 18 -3.15 23.66 -16.45
N THR I 19 -2.40 24.37 -15.59
CA THR I 19 -1.33 23.79 -14.83
C THR I 19 -1.88 23.61 -13.42
N LEU I 20 -2.12 22.36 -13.03
CA LEU I 20 -2.70 22.07 -11.69
C LEU I 20 -1.58 21.77 -10.68
N ASN I 21 -0.63 20.87 -11.01
CA ASN I 21 0.39 20.35 -10.07
C ASN I 21 -0.22 19.98 -8.70
N ASP I 22 -1.31 19.21 -8.76
CA ASP I 22 -2.06 18.78 -7.57
C ASP I 22 -2.79 17.48 -7.92
N LYS I 23 -3.08 16.70 -6.87
CA LYS I 23 -3.98 15.56 -6.93
CA LYS I 23 -3.97 15.55 -7.06
C LYS I 23 -5.41 16.02 -7.22
N ILE I 24 -6.21 15.10 -7.73
CA ILE I 24 -7.65 15.31 -7.97
C ILE I 24 -8.37 15.32 -6.61
N PHE I 25 -9.18 16.37 -6.37
CA PHE I 25 -9.89 16.57 -5.12
C PHE I 25 -11.16 15.73 -5.06
N SER I 26 -11.91 15.64 -6.18
CA SER I 26 -13.10 14.83 -6.24
C SER I 26 -13.30 14.28 -7.65
N TYR I 27 -13.81 13.04 -7.67
N TYR I 27 -13.84 13.06 -7.67
CA TYR I 27 -14.12 12.28 -8.82
CA TYR I 27 -14.12 12.33 -8.85
C TYR I 27 -15.65 12.06 -8.74
C TYR I 27 -15.65 12.04 -8.74
N THR I 28 -16.29 12.28 -9.95
CA THR I 28 -17.67 12.01 -10.14
C THR I 28 -17.91 11.28 -11.46
N GLU I 29 -18.78 10.27 -11.38
N GLU I 29 -18.72 10.23 -11.43
CA GLU I 29 -19.08 9.36 -12.45
CA GLU I 29 -19.03 9.51 -12.65
C GLU I 29 -20.62 9.33 -12.61
C GLU I 29 -20.54 9.22 -12.66
N SER I 30 -21.09 9.30 -13.85
CA SER I 30 -22.49 9.25 -14.09
C SER I 30 -22.79 8.25 -15.22
N LEU I 31 -23.83 7.46 -15.02
CA LEU I 31 -24.50 6.74 -16.10
C LEU I 31 -25.92 7.27 -16.30
N ALA I 32 -26.21 8.48 -15.83
CA ALA I 32 -27.58 9.06 -15.96
C ALA I 32 -27.83 9.40 -17.45
N GLY I 33 -29.13 9.56 -17.81
CA GLY I 33 -29.58 9.64 -19.24
C GLY I 33 -29.16 10.99 -19.91
N LYS I 34 -28.47 10.85 -21.06
CA LYS I 34 -27.72 11.92 -21.73
C LYS I 34 -26.56 12.54 -20.92
N ARG I 35 -26.08 11.88 -19.85
CA ARG I 35 -25.02 12.48 -19.04
C ARG I 35 -23.98 11.45 -18.60
N GLU I 36 -23.64 10.54 -19.50
CA GLU I 36 -22.65 9.50 -19.24
C GLU I 36 -21.25 10.10 -19.38
N MET I 37 -20.67 10.51 -18.26
CA MET I 37 -19.58 11.43 -18.26
C MET I 37 -18.85 11.28 -16.94
N ALA I 38 -17.64 11.85 -16.88
CA ALA I 38 -16.97 12.02 -15.60
C ALA I 38 -16.72 13.52 -15.36
N ILE I 39 -16.60 13.93 -14.09
CA ILE I 39 -16.30 15.26 -13.66
C ILE I 39 -15.23 15.15 -12.60
N ILE I 40 -14.11 15.87 -12.76
CA ILE I 40 -13.14 15.97 -11.65
C ILE I 40 -13.04 17.44 -11.21
N THR I 41 -12.68 17.62 -9.94
CA THR I 41 -12.42 18.95 -9.44
C THR I 41 -11.06 18.91 -8.76
N PHE I 42 -10.52 20.09 -8.55
CA PHE I 42 -9.29 20.27 -7.77
C PHE I 42 -9.61 21.19 -6.59
N LYS I 43 -8.70 21.23 -5.60
CA LYS I 43 -8.91 21.89 -4.31
C LYS I 43 -9.27 23.36 -4.52
N ASN I 44 -8.66 24.01 -5.53
CA ASN I 44 -8.91 25.40 -5.92
C ASN I 44 -10.28 25.65 -6.58
N GLY I 45 -11.08 24.60 -6.82
CA GLY I 45 -12.42 24.74 -7.36
C GLY I 45 -12.48 24.67 -8.90
N ALA I 46 -11.30 24.42 -9.53
CA ALA I 46 -11.20 24.09 -10.97
C ALA I 46 -11.90 22.75 -11.25
N THR I 47 -12.81 22.80 -12.24
CA THR I 47 -13.72 21.70 -12.55
C THR I 47 -13.63 21.37 -14.07
N PHE I 48 -13.57 20.06 -14.38
CA PHE I 48 -13.34 19.56 -15.72
C PHE I 48 -14.23 18.35 -16.00
N GLN I 49 -14.67 18.17 -17.25
CA GLN I 49 -15.47 17.02 -17.67
C GLN I 49 -14.73 16.17 -18.69
N VAL I 50 -15.01 14.86 -18.73
CA VAL I 50 -14.89 14.09 -19.91
C VAL I 50 -16.27 14.02 -20.55
N GLU I 51 -16.35 14.56 -21.77
CA GLU I 51 -17.60 14.79 -22.43
C GLU I 51 -18.35 13.47 -22.61
N VAL I 52 -19.68 13.57 -22.57
CA VAL I 52 -20.52 12.50 -23.02
C VAL I 52 -20.15 12.19 -24.47
N PRO I 53 -19.97 10.91 -24.86
CA PRO I 53 -19.70 10.51 -26.24
C PRO I 53 -20.84 10.96 -27.16
N GLY I 54 -20.48 11.60 -28.28
CA GLY I 54 -21.41 12.24 -29.10
C GLY I 54 -20.89 12.42 -30.54
N SER I 55 -21.60 13.20 -31.33
CA SER I 55 -21.29 13.36 -32.77
C SER I 55 -20.08 14.30 -33.01
N GLN I 56 -19.64 15.07 -32.02
CA GLN I 56 -18.36 15.83 -32.07
C GLN I 56 -17.15 14.90 -32.00
N HIS I 57 -17.36 13.59 -31.76
CA HIS I 57 -16.28 12.60 -31.58
C HIS I 57 -16.24 11.69 -32.82
N ILE I 58 -15.03 11.33 -33.25
CA ILE I 58 -14.83 10.35 -34.28
C ILE I 58 -14.59 8.94 -33.67
N ASP I 59 -14.67 7.92 -34.51
CA ASP I 59 -14.62 6.51 -34.05
CA ASP I 59 -14.62 6.52 -34.03
C ASP I 59 -13.30 6.25 -33.32
N SER I 60 -12.22 6.83 -33.80
CA SER I 60 -10.89 6.58 -33.16
C SER I 60 -10.80 7.16 -31.75
N GLN I 61 -11.74 8.04 -31.34
CA GLN I 61 -11.73 8.65 -30.05
C GLN I 61 -12.52 7.81 -29.04
N LYS I 62 -13.29 6.82 -29.52
CA LYS I 62 -14.23 6.17 -28.60
CA LYS I 62 -14.22 6.06 -28.67
C LYS I 62 -13.45 5.47 -27.49
N LYS I 63 -12.43 4.67 -27.84
CA LYS I 63 -11.67 3.91 -26.83
CA LYS I 63 -11.62 3.92 -26.85
C LYS I 63 -10.85 4.90 -25.98
N ALA I 64 -10.44 6.03 -26.56
CA ALA I 64 -9.61 6.98 -25.84
C ALA I 64 -10.43 7.71 -24.76
N ILE I 65 -11.71 7.96 -25.03
CA ILE I 65 -12.62 8.60 -24.07
C ILE I 65 -12.83 7.66 -22.89
N GLU I 66 -12.97 6.34 -23.16
CA GLU I 66 -13.15 5.38 -22.05
C GLU I 66 -11.81 5.29 -21.27
N ARG I 67 -10.69 5.34 -22.02
CA ARG I 67 -9.41 5.25 -21.34
C ARG I 67 -9.19 6.44 -20.38
N MET I 68 -9.58 7.61 -20.83
CA MET I 68 -9.36 8.81 -20.04
C MET I 68 -10.14 8.71 -18.72
N LYS I 69 -11.40 8.26 -18.78
CA LYS I 69 -12.17 8.10 -17.52
C LYS I 69 -11.46 7.07 -16.60
N ASP I 70 -10.91 5.97 -17.17
CA ASP I 70 -10.16 5.00 -16.40
C ASP I 70 -8.97 5.65 -15.71
N THR I 71 -8.25 6.48 -16.46
CA THR I 71 -7.09 7.20 -15.98
C THR I 71 -7.42 8.12 -14.81
N LEU I 72 -8.47 8.92 -14.99
CA LEU I 72 -8.87 9.88 -13.91
C LEU I 72 -9.23 9.12 -12.64
N ARG I 73 -9.92 7.98 -12.78
CA ARG I 73 -10.36 7.21 -11.61
C ARG I 73 -9.16 6.66 -10.85
N ILE I 74 -8.24 6.03 -11.57
CA ILE I 74 -7.07 5.49 -10.93
C ILE I 74 -6.15 6.59 -10.43
N ALA I 75 -6.09 7.74 -11.12
CA ALA I 75 -5.28 8.85 -10.58
C ALA I 75 -5.88 9.33 -9.24
N TYR I 76 -7.19 9.45 -9.22
CA TYR I 76 -7.89 9.87 -8.03
C TYR I 76 -7.57 8.94 -6.86
N LEU I 77 -7.68 7.63 -7.10
CA LEU I 77 -7.50 6.67 -6.01
C LEU I 77 -6.07 6.47 -5.60
N THR I 78 -5.09 6.84 -6.44
CA THR I 78 -3.67 6.73 -6.05
CA THR I 78 -3.66 6.76 -6.20
C THR I 78 -3.14 8.11 -5.62
N GLU I 79 -3.99 9.12 -5.62
CA GLU I 79 -3.64 10.44 -5.25
C GLU I 79 -2.44 10.92 -6.09
N ALA I 80 -2.46 10.54 -7.38
CA ALA I 80 -1.42 10.92 -8.31
C ALA I 80 -1.47 12.41 -8.61
N LYS I 81 -0.33 13.09 -8.61
CA LYS I 81 -0.28 14.50 -8.99
CA LYS I 81 -0.23 14.51 -9.00
C LYS I 81 -0.53 14.65 -10.49
N VAL I 82 -1.48 15.53 -10.82
CA VAL I 82 -1.77 15.91 -12.16
C VAL I 82 -0.94 17.14 -12.44
N GLU I 83 -0.13 17.10 -13.47
CA GLU I 83 0.66 18.23 -13.84
C GLU I 83 -0.21 19.22 -14.59
N LYS I 84 -0.60 18.82 -15.81
CA LYS I 84 -1.35 19.71 -16.72
C LYS I 84 -2.52 18.94 -17.36
N LEU I 85 -3.58 19.73 -17.67
CA LEU I 85 -4.67 19.31 -18.48
C LEU I 85 -4.73 20.21 -19.72
N CYS I 86 -4.87 19.58 -20.87
CA CYS I 86 -5.25 20.25 -22.12
C CYS I 86 -6.77 20.13 -22.21
N VAL I 87 -7.47 21.27 -22.32
CA VAL I 87 -8.93 21.27 -22.33
C VAL I 87 -9.47 22.13 -23.47
N TRP I 88 -10.69 21.80 -23.91
CA TRP I 88 -11.47 22.71 -24.78
C TRP I 88 -12.18 23.71 -23.89
N ASN I 89 -11.89 25.00 -24.11
CA ASN I 89 -12.43 26.11 -23.27
C ASN I 89 -13.72 26.68 -23.85
N ASN I 90 -14.28 26.03 -24.89
CA ASN I 90 -15.60 26.39 -25.43
C ASN I 90 -16.67 25.42 -24.92
N LYS I 91 -16.34 24.69 -23.86
CA LYS I 91 -17.28 23.80 -23.13
C LYS I 91 -17.18 24.07 -21.60
N THR I 92 -18.33 23.90 -20.94
CA THR I 92 -18.55 24.32 -19.58
C THR I 92 -19.15 23.12 -18.90
N PRO I 93 -18.46 22.56 -17.88
CA PRO I 93 -17.05 22.81 -17.59
C PRO I 93 -16.12 22.56 -18.79
N HIS I 94 -14.90 23.09 -18.71
CA HIS I 94 -13.88 22.77 -19.68
C HIS I 94 -13.76 21.25 -19.86
N ALA I 95 -13.58 20.81 -21.11
CA ALA I 95 -13.62 19.41 -21.44
C ALA I 95 -12.19 18.93 -21.69
N ILE I 96 -11.81 17.83 -21.02
CA ILE I 96 -10.45 17.27 -21.14
C ILE I 96 -10.18 16.66 -22.55
N ALA I 97 -9.06 17.11 -23.19
CA ALA I 97 -8.44 16.57 -24.36
C ALA I 97 -7.19 15.73 -24.02
N ALA I 98 -6.42 16.13 -22.99
CA ALA I 98 -5.23 15.37 -22.62
C ALA I 98 -4.81 15.67 -21.18
N ILE I 99 -4.14 14.70 -20.55
CA ILE I 99 -3.69 14.80 -19.17
C ILE I 99 -2.21 14.47 -19.14
N SER I 100 -1.47 15.18 -18.26
CA SER I 100 -0.12 14.82 -17.98
C SER I 100 0.08 14.71 -16.46
N MET I 101 0.82 13.68 -16.09
CA MET I 101 1.14 13.36 -14.67
C MET I 101 2.67 13.27 -14.58
N ALA I 102 3.22 14.00 -13.60
CA ALA I 102 4.62 13.98 -13.18
C ALA I 102 4.63 14.42 -11.71
N ASN I 103 5.50 13.83 -10.90
CA ASN I 103 5.63 14.22 -9.47
C ASN I 103 7.07 13.89 -9.07
N THR J 1 10.19 -18.39 -31.84
CA THR J 1 9.66 -17.31 -30.89
C THR J 1 10.82 -16.75 -30.05
N PRO J 2 10.97 -15.43 -29.90
CA PRO J 2 12.09 -14.87 -29.12
C PRO J 2 11.83 -14.96 -27.58
N GLN J 3 12.94 -14.98 -26.81
CA GLN J 3 12.91 -15.31 -25.38
C GLN J 3 13.16 -14.07 -24.55
N ASN J 4 13.50 -12.96 -25.21
CA ASN J 4 13.78 -11.74 -24.52
C ASN J 4 13.54 -10.58 -25.47
N ILE J 5 13.47 -9.37 -24.90
CA ILE J 5 13.12 -8.20 -25.66
C ILE J 5 14.21 -7.87 -26.69
N THR J 6 15.46 -8.14 -26.36
CA THR J 6 16.59 -7.81 -27.24
C THR J 6 16.55 -8.64 -28.53
N ASP J 7 16.26 -9.94 -28.45
CA ASP J 7 16.12 -10.74 -29.64
C ASP J 7 14.82 -10.48 -30.40
N LEU J 8 13.75 -10.11 -29.68
CA LEU J 8 12.50 -9.71 -30.32
C LEU J 8 12.75 -8.45 -31.18
N CYS J 9 13.46 -7.47 -30.62
N CYS J 9 13.42 -7.44 -30.59
CA CYS J 9 13.70 -6.19 -31.28
CA CYS J 9 13.78 -6.17 -31.26
C CYS J 9 14.58 -6.36 -32.53
C CYS J 9 14.52 -6.43 -32.57
N ALA J 10 15.45 -7.38 -32.52
CA ALA J 10 16.33 -7.62 -33.72
C ALA J 10 15.53 -8.29 -34.86
N GLU J 11 14.27 -8.66 -34.65
CA GLU J 11 13.50 -9.29 -35.71
C GLU J 11 12.87 -8.25 -36.66
N TYR J 12 13.02 -6.94 -36.36
CA TYR J 12 12.26 -5.88 -37.00
C TYR J 12 13.27 -4.92 -37.65
N HIS J 13 12.86 -4.30 -38.76
CA HIS J 13 13.53 -3.15 -39.33
CA HIS J 13 13.64 -3.17 -39.27
C HIS J 13 13.24 -1.89 -38.52
N ASN J 14 14.21 -0.98 -38.47
CA ASN J 14 14.11 0.36 -37.96
C ASN J 14 13.79 0.32 -36.46
N THR J 15 14.44 -0.59 -35.74
CA THR J 15 14.22 -0.66 -34.29
C THR J 15 15.55 -0.55 -33.55
N GLN J 16 15.45 -0.10 -32.28
CA GLN J 16 16.56 -0.14 -31.36
C GLN J 16 16.05 -0.39 -29.93
N ILE J 17 16.95 -0.92 -29.11
CA ILE J 17 16.79 -1.06 -27.71
C ILE J 17 17.28 0.22 -27.01
N HIS J 18 16.46 0.78 -26.12
CA HIS J 18 16.93 1.74 -25.14
C HIS J 18 16.93 1.05 -23.77
N THR J 19 18.05 1.18 -23.07
CA THR J 19 18.22 0.64 -21.74
C THR J 19 18.00 1.78 -20.74
N LEU J 20 16.87 1.76 -20.02
CA LEU J 20 16.54 2.87 -19.07
C LEU J 20 16.92 2.52 -17.64
N ASN J 21 16.56 1.31 -17.22
CA ASN J 21 16.74 0.90 -15.82
C ASN J 21 16.28 2.02 -14.87
N ASP J 22 15.07 2.52 -15.11
CA ASP J 22 14.56 3.62 -14.33
C ASP J 22 13.01 3.64 -14.38
N LYS J 23 12.39 4.25 -13.36
CA LYS J 23 10.95 4.46 -13.39
C LYS J 23 10.59 5.55 -14.41
N ILE J 24 9.33 5.51 -14.85
CA ILE J 24 8.80 6.51 -15.71
C ILE J 24 8.65 7.81 -14.94
N PHE J 25 9.16 8.88 -15.53
CA PHE J 25 9.15 10.24 -14.94
C PHE J 25 7.81 10.95 -15.18
N SER J 26 7.32 10.91 -16.43
CA SER J 26 6.01 11.47 -16.73
C SER J 26 5.20 10.54 -17.65
N TYR J 27 3.88 10.64 -17.50
N TYR J 27 3.88 10.56 -17.46
CA TYR J 27 2.90 9.90 -18.27
CA TYR J 27 2.94 9.87 -18.30
C TYR J 27 1.90 10.90 -18.84
C TYR J 27 1.98 10.93 -18.85
N THR J 28 1.73 10.89 -20.17
CA THR J 28 0.78 11.85 -20.83
C THR J 28 -0.16 11.06 -21.73
N GLU J 29 -1.47 11.33 -21.69
CA GLU J 29 -2.37 10.63 -22.60
C GLU J 29 -3.39 11.63 -23.14
N SER J 30 -3.79 11.37 -24.39
CA SER J 30 -4.67 12.27 -25.15
C SER J 30 -5.81 11.47 -25.76
N LEU J 31 -7.00 12.06 -25.73
CA LEU J 31 -8.15 11.56 -26.45
C LEU J 31 -8.46 12.43 -27.67
N ALA J 32 -7.70 13.51 -27.89
CA ALA J 32 -7.99 14.49 -29.01
C ALA J 32 -7.93 13.76 -30.39
N GLY J 33 -8.85 14.12 -31.28
CA GLY J 33 -9.00 13.46 -32.55
C GLY J 33 -7.71 13.53 -33.33
N LYS J 34 -7.27 12.36 -33.81
CA LYS J 34 -6.05 12.16 -34.61
C LYS J 34 -4.80 12.22 -33.72
N ARG J 35 -4.93 12.37 -32.40
CA ARG J 35 -3.80 12.33 -31.49
C ARG J 35 -4.20 11.47 -30.30
N GLU J 36 -4.82 10.31 -30.58
CA GLU J 36 -5.19 9.39 -29.51
C GLU J 36 -3.96 8.55 -29.17
N MET J 37 -3.15 9.05 -28.26
CA MET J 37 -1.79 8.53 -28.07
C MET J 37 -1.39 8.67 -26.61
N ALA J 38 -0.23 8.08 -26.30
CA ALA J 38 0.40 8.25 -25.00
C ALA J 38 1.87 8.62 -25.20
N ILE J 39 2.40 9.45 -24.29
CA ILE J 39 3.77 9.88 -24.29
C ILE J 39 4.33 9.65 -22.90
N ILE J 40 5.49 8.97 -22.82
CA ILE J 40 6.22 8.89 -21.54
C ILE J 40 7.59 9.55 -21.66
N THR J 41 8.09 9.99 -20.49
CA THR J 41 9.44 10.50 -20.41
C THR J 41 10.13 9.85 -19.21
N PHE J 42 11.47 9.82 -19.31
CA PHE J 42 12.31 9.48 -18.24
C PHE J 42 13.12 10.71 -17.83
N LYS J 43 13.65 10.68 -16.59
CA LYS J 43 14.40 11.81 -16.02
C LYS J 43 15.64 12.15 -16.89
N ASN J 44 16.22 11.19 -17.60
CA ASN J 44 17.37 11.48 -18.48
C ASN J 44 16.95 12.30 -19.71
N GLY J 45 15.65 12.56 -19.93
CA GLY J 45 15.17 13.35 -21.08
C GLY J 45 14.57 12.48 -22.18
N ALA J 46 14.77 11.17 -22.14
CA ALA J 46 14.28 10.33 -23.19
C ALA J 46 12.74 10.36 -23.21
N THR J 47 12.18 10.50 -24.41
CA THR J 47 10.79 10.63 -24.64
C THR J 47 10.33 9.54 -25.65
N PHE J 48 9.20 8.89 -25.38
CA PHE J 48 8.73 7.82 -26.20
C PHE J 48 7.22 7.91 -26.35
N GLN J 49 6.69 7.48 -27.48
CA GLN J 49 5.21 7.48 -27.69
C GLN J 49 4.69 6.05 -27.89
N VAL J 50 3.38 5.88 -27.63
CA VAL J 50 2.62 4.81 -28.18
C VAL J 50 1.79 5.46 -29.27
N GLU J 51 2.10 5.09 -30.49
CA GLU J 51 1.59 5.71 -31.73
C GLU J 51 0.07 5.68 -31.79
N VAL J 52 -0.48 6.73 -32.41
CA VAL J 52 -1.89 6.67 -32.80
C VAL J 52 -2.09 5.43 -33.66
N PRO J 53 -3.10 4.55 -33.43
CA PRO J 53 -3.40 3.47 -34.38
C PRO J 53 -3.55 4.04 -35.80
N GLY J 54 -2.98 3.33 -36.78
CA GLY J 54 -2.91 3.77 -38.19
C GLY J 54 -2.65 2.62 -39.14
N SER J 55 -2.23 2.95 -40.37
CA SER J 55 -2.09 1.94 -41.47
C SER J 55 -0.97 0.95 -41.21
N GLN J 56 0.08 1.35 -40.50
CA GLN J 56 1.21 0.45 -40.17
C GLN J 56 0.77 -0.66 -39.17
N HIS J 57 -0.50 -0.61 -38.69
CA HIS J 57 -1.04 -1.53 -37.63
C HIS J 57 -2.00 -2.56 -38.21
N ILE J 58 -1.70 -3.83 -37.94
CA ILE J 58 -2.56 -4.88 -38.42
C ILE J 58 -3.59 -5.17 -37.32
N ASP J 59 -4.63 -5.91 -37.68
CA ASP J 59 -5.76 -6.16 -36.76
C ASP J 59 -5.26 -6.73 -35.42
N SER J 60 -4.28 -7.64 -35.47
CA SER J 60 -3.77 -8.32 -34.27
C SER J 60 -3.02 -7.36 -33.33
N GLN J 61 -2.62 -6.18 -33.79
CA GLN J 61 -1.95 -5.19 -32.96
C GLN J 61 -2.91 -4.27 -32.18
N LYS J 62 -4.18 -4.17 -32.56
CA LYS J 62 -5.07 -3.18 -31.95
C LYS J 62 -5.20 -3.43 -30.44
N LYS J 63 -5.45 -4.68 -30.07
CA LYS J 63 -5.54 -5.04 -28.66
C LYS J 63 -4.21 -4.76 -27.95
N ALA J 64 -3.11 -5.13 -28.59
CA ALA J 64 -1.80 -4.97 -27.96
C ALA J 64 -1.41 -3.50 -27.75
N ILE J 65 -1.76 -2.63 -28.71
CA ILE J 65 -1.57 -1.16 -28.53
C ILE J 65 -2.31 -0.67 -27.27
N GLU J 66 -3.55 -1.12 -27.09
CA GLU J 66 -4.34 -0.72 -25.92
C GLU J 66 -3.71 -1.26 -24.62
N ARG J 67 -3.27 -2.52 -24.67
CA ARG J 67 -2.57 -3.10 -23.54
C ARG J 67 -1.33 -2.33 -23.15
N MET J 68 -0.53 -1.92 -24.14
CA MET J 68 0.70 -1.23 -23.84
C MET J 68 0.43 0.10 -23.10
N LYS J 69 -0.63 0.83 -23.49
CA LYS J 69 -0.96 2.06 -22.79
CA LYS J 69 -0.94 2.05 -22.79
C LYS J 69 -1.41 1.74 -21.36
N ASP J 70 -2.17 0.65 -21.19
CA ASP J 70 -2.53 0.23 -19.85
C ASP J 70 -1.26 -0.08 -19.02
N THR J 71 -0.32 -0.82 -19.63
CA THR J 71 0.90 -1.20 -18.95
C THR J 71 1.72 0.02 -18.51
N LEU J 72 1.89 0.98 -19.41
CA LEU J 72 2.66 2.16 -19.08
C LEU J 72 2.01 3.00 -17.97
N ARG J 73 0.67 3.09 -17.98
CA ARG J 73 -0.01 3.81 -16.93
C ARG J 73 0.21 3.19 -15.55
N ILE J 74 0.05 1.87 -15.45
CA ILE J 74 0.18 1.19 -14.15
CA ILE J 74 0.18 1.19 -14.15
C ILE J 74 1.67 1.15 -13.77
N ALA J 75 2.59 0.98 -14.73
CA ALA J 75 4.02 1.07 -14.40
C ALA J 75 4.31 2.47 -13.82
N TYR J 76 3.77 3.51 -14.43
CA TYR J 76 3.99 4.87 -13.93
C TYR J 76 3.49 4.97 -12.48
N LEU J 77 2.23 4.59 -12.25
CA LEU J 77 1.60 4.74 -10.91
C LEU J 77 2.21 3.86 -9.83
N THR J 78 2.87 2.75 -10.19
CA THR J 78 3.50 1.91 -9.17
C THR J 78 5.01 2.23 -9.02
N GLU J 79 5.49 3.20 -9.82
CA GLU J 79 6.93 3.52 -9.88
C GLU J 79 7.75 2.27 -10.24
N ALA J 80 7.20 1.44 -11.14
CA ALA J 80 7.94 0.23 -11.54
C ALA J 80 9.14 0.59 -12.41
N LYS J 81 10.25 -0.04 -12.10
CA LYS J 81 11.43 0.19 -12.87
C LYS J 81 11.20 -0.40 -14.27
N VAL J 82 11.55 0.39 -15.28
CA VAL J 82 11.59 -0.13 -16.67
C VAL J 82 13.01 -0.48 -17.06
N GLU J 83 13.20 -1.72 -17.53
CA GLU J 83 14.49 -2.20 -17.87
C GLU J 83 14.83 -1.66 -19.24
N LYS J 84 14.14 -2.15 -20.25
CA LYS J 84 14.42 -1.81 -21.64
C LYS J 84 13.11 -1.46 -22.36
N LEU J 85 13.25 -0.58 -23.37
CA LEU J 85 12.24 -0.42 -24.38
C LEU J 85 12.79 -0.78 -25.75
N CYS J 86 12.02 -1.58 -26.50
CA CYS J 86 12.25 -1.78 -27.96
C CYS J 86 11.36 -0.77 -28.68
N VAL J 87 11.98 0.05 -29.55
CA VAL J 87 11.28 1.18 -30.22
C VAL J 87 11.57 1.13 -31.72
N TRP J 88 10.60 1.65 -32.48
CA TRP J 88 10.83 2.03 -33.87
C TRP J 88 11.51 3.40 -33.84
N ASN J 89 12.68 3.49 -34.48
CA ASN J 89 13.43 4.78 -34.50
C ASN J 89 13.16 5.55 -35.79
N ASN J 90 12.15 5.17 -36.58
CA ASN J 90 11.79 5.91 -37.80
C ASN J 90 10.64 6.89 -37.54
N LYS J 91 10.38 7.13 -36.25
CA LYS J 91 9.30 7.98 -35.77
CA LYS J 91 9.27 7.92 -35.70
C LYS J 91 9.88 8.92 -34.72
N THR J 92 9.31 10.12 -34.60
CA THR J 92 9.69 11.06 -33.56
C THR J 92 8.43 11.43 -32.77
N PRO J 93 8.40 11.21 -31.46
CA PRO J 93 9.36 10.50 -30.65
C PRO J 93 9.45 9.04 -31.09
N HIS J 94 10.53 8.35 -30.70
CA HIS J 94 10.62 6.90 -30.92
C HIS J 94 9.33 6.22 -30.41
N ALA J 95 8.84 5.23 -31.16
CA ALA J 95 7.56 4.58 -30.92
C ALA J 95 7.77 3.22 -30.27
N ILE J 96 7.11 2.96 -29.13
CA ILE J 96 7.29 1.77 -28.40
C ILE J 96 6.70 0.56 -29.12
N ALA J 97 7.49 -0.52 -29.18
CA ALA J 97 7.09 -1.82 -29.71
C ALA J 97 6.99 -2.85 -28.59
N ALA J 98 7.90 -2.75 -27.61
CA ALA J 98 7.97 -3.66 -26.49
C ALA J 98 8.64 -3.00 -25.28
N ILE J 99 8.29 -3.55 -24.11
CA ILE J 99 8.76 -3.12 -22.82
C ILE J 99 9.18 -4.33 -22.02
N SER J 100 10.26 -4.16 -21.24
CA SER J 100 10.61 -5.13 -20.23
C SER J 100 10.79 -4.46 -18.87
N MET J 101 10.34 -5.16 -17.83
CA MET J 101 10.43 -4.68 -16.45
C MET J 101 11.08 -5.80 -15.65
N ALA J 102 12.11 -5.45 -14.89
CA ALA J 102 12.78 -6.33 -13.97
C ALA J 102 13.33 -5.40 -12.88
N ASN J 103 13.34 -5.92 -11.65
CA ASN J 103 13.64 -5.17 -10.41
C ASN J 103 12.90 -5.85 -9.24
#